data_8K7B
#
_entry.id   8K7B
#
_cell.length_a   1.00
_cell.length_b   1.00
_cell.length_c   1.00
_cell.angle_alpha   90.00
_cell.angle_beta   90.00
_cell.angle_gamma   90.00
#
_symmetry.space_group_name_H-M   'P 1'
#
loop_
_entity.id
_entity.type
_entity.pdbx_description
1 polymer 'ATP-binding cassette sub-family B member 6'
2 non-polymer '(1S)-2-{[(2-AMINOETHOXY)(HYDROXY)PHOSPHORYL]OXY}-1-[(PALMITOYLOXY)METHYL]ETHYL STEARATE'
3 non-polymer 'ADP ORTHOVANADATE'
4 non-polymer 'MAGNESIUM ION'
#
_entity_poly.entity_id   1
_entity_poly.type   'polypeptide(L)'
_entity_poly.pdbx_seq_one_letter_code
;TWRDFGRKLRLLSGYLWPRGSPALQLVVLICLGLMGLERALNVLVPIFYRNIVNLLTEKAPWNSLAWTVTSYVFLKFLQG
GGTGSTGFVSNLRTFLWIRVQQFTSRRVELLIFSHLHELSLRWHLGRRTGEVLRIADRGTSSVTGLLSYLVFNVIPTLAD
IIIGIIYFSMFFNAWFGLIVFLCMSLYLTLTIVVTEWRTKFRRAMNTQENATRARAVDSLLNFETVKYYNAESYEVERYR
EAIIKYQGLEWKSSASLVLLNQTQNLVIGLGLLAGSLLCAYFVTEQKLQVGDYVLFGTYIIQLYMPLNAFGTYYRMIQTN
FIDMENMFDLLKEETEVKDLPGAGPLRFQKGRIEFENVHFSYADGRETLQDVSFTVMPGQTLALVGPSGAGKSTILRLLF
RFYDISSGCIRIDGQDISQVTQASLRSHIGVVPQDTVLFNDTIADNIRYGRVTAGNDEVEAAAQAAGIHDAIMAFPEGYR
TQVGERGLKLSGGEKQRVAIARTILKAPGIILLDEATSALDTSNERAIQASLAKVCANRTTIVVAHRLSTVVNADQILVI
KDGCIVERGRHEALLSRGGVYADMWQLQQG
;
_entity_poly.pdbx_strand_id   A,B
#
# COMPACT_ATOMS: atom_id res chain seq x y z
N THR A 1 -19.00 12.82 -19.70
CA THR A 1 -19.82 12.66 -20.89
C THR A 1 -19.76 11.22 -21.40
N TRP A 2 -20.21 10.98 -22.63
CA TRP A 2 -20.27 9.62 -23.14
C TRP A 2 -19.31 9.42 -24.31
N ARG A 3 -18.27 10.23 -24.39
CA ARG A 3 -17.30 10.11 -25.45
C ARG A 3 -15.93 9.88 -24.88
N ASP A 4 -15.74 10.33 -23.66
CA ASP A 4 -14.46 10.08 -23.01
C ASP A 4 -14.27 8.58 -22.86
N PHE A 5 -15.36 7.85 -22.75
CA PHE A 5 -15.24 6.42 -22.67
C PHE A 5 -14.39 6.00 -23.83
N GLY A 6 -14.63 6.60 -24.98
CA GLY A 6 -13.91 6.20 -26.16
C GLY A 6 -12.43 6.32 -26.03
N ARG A 7 -11.96 7.50 -25.68
CA ARG A 7 -10.53 7.68 -25.62
C ARG A 7 -9.98 6.68 -24.64
N LYS A 8 -10.70 6.45 -23.54
CA LYS A 8 -10.18 5.57 -22.51
C LYS A 8 -9.94 4.18 -23.09
N LEU A 9 -10.96 3.61 -23.70
CA LEU A 9 -10.81 2.25 -24.21
C LEU A 9 -9.71 2.22 -25.25
N ARG A 10 -9.57 3.27 -26.06
CA ARG A 10 -8.58 3.19 -27.09
C ARG A 10 -7.26 2.86 -26.47
N LEU A 11 -6.94 3.52 -25.37
CA LEU A 11 -5.64 3.30 -24.74
C LEU A 11 -5.50 1.88 -24.21
N LEU A 12 -6.47 1.36 -23.46
CA LEU A 12 -6.34 0.04 -22.87
C LEU A 12 -6.18 -1.01 -23.93
N SER A 13 -6.40 -0.64 -25.18
CA SER A 13 -6.27 -1.58 -26.29
C SER A 13 -4.99 -1.39 -27.03
N GLY A 14 -4.27 -0.33 -26.73
CA GLY A 14 -2.99 -0.13 -27.36
C GLY A 14 -1.92 -0.97 -26.72
N TYR A 15 -2.29 -2.02 -26.00
CA TYR A 15 -1.31 -2.83 -25.29
C TYR A 15 -1.39 -4.33 -25.57
N LEU A 16 -2.08 -4.74 -26.63
CA LEU A 16 -2.25 -6.16 -26.87
C LEU A 16 -1.42 -6.69 -28.00
N TRP A 17 -0.32 -6.01 -28.33
CA TRP A 17 0.57 -6.54 -29.36
C TRP A 17 2.02 -6.29 -29.02
N PRO A 18 2.74 -7.34 -28.65
CA PRO A 18 4.12 -7.14 -28.25
C PRO A 18 4.81 -6.39 -29.35
N ARG A 19 5.31 -5.19 -29.06
CA ARG A 19 5.99 -4.41 -30.06
C ARG A 19 7.49 -4.61 -29.99
N GLY A 20 7.98 -5.66 -30.64
CA GLY A 20 9.39 -5.94 -30.62
C GLY A 20 9.74 -7.35 -31.02
N SER A 21 9.92 -8.23 -30.03
CA SER A 21 10.34 -9.59 -30.32
C SER A 21 9.39 -10.23 -31.32
N PRO A 22 9.95 -10.93 -32.30
CA PRO A 22 9.11 -11.54 -33.33
C PRO A 22 8.40 -12.77 -32.82
N ALA A 23 9.14 -13.71 -32.25
CA ALA A 23 8.53 -14.95 -31.80
C ALA A 23 7.21 -14.66 -31.17
N LEU A 24 7.22 -13.81 -30.17
CA LEU A 24 6.01 -13.54 -29.47
C LEU A 24 4.99 -13.06 -30.47
N GLN A 25 5.43 -12.30 -31.47
CA GLN A 25 4.46 -11.76 -32.41
C GLN A 25 3.84 -12.86 -33.21
N LEU A 26 4.07 -14.10 -32.81
CA LEU A 26 3.41 -15.19 -33.48
C LEU A 26 2.44 -15.84 -32.52
N VAL A 27 2.87 -16.09 -31.30
CA VAL A 27 1.99 -16.78 -30.41
C VAL A 27 0.69 -16.02 -30.43
N VAL A 28 0.72 -14.74 -30.75
CA VAL A 28 -0.51 -13.99 -30.67
C VAL A 28 -1.36 -14.23 -31.87
N LEU A 29 -1.00 -15.18 -32.71
CA LEU A 29 -1.87 -15.51 -33.82
C LEU A 29 -2.47 -16.86 -33.61
N ILE A 30 -1.65 -17.83 -33.25
CA ILE A 30 -2.16 -19.16 -32.98
C ILE A 30 -3.21 -19.11 -31.87
N CYS A 31 -3.01 -18.27 -30.86
CA CYS A 31 -3.99 -18.18 -29.83
C CYS A 31 -5.26 -17.80 -30.47
N LEU A 32 -5.24 -16.81 -31.34
CA LEU A 32 -6.48 -16.33 -31.95
C LEU A 32 -7.20 -17.45 -32.65
N GLY A 33 -6.45 -18.32 -33.31
CA GLY A 33 -7.06 -19.41 -34.04
C GLY A 33 -7.87 -20.34 -33.15
N LEU A 34 -7.28 -20.82 -32.07
CA LEU A 34 -7.96 -21.77 -31.23
C LEU A 34 -9.30 -21.16 -30.88
N MET A 35 -9.34 -19.85 -30.73
CA MET A 35 -10.59 -19.19 -30.43
C MET A 35 -11.58 -19.52 -31.54
N GLY A 36 -11.13 -19.49 -32.78
CA GLY A 36 -12.03 -19.74 -33.88
C GLY A 36 -12.66 -21.10 -33.82
N LEU A 37 -11.84 -22.13 -33.66
CA LEU A 37 -12.37 -23.47 -33.67
C LEU A 37 -13.45 -23.60 -32.61
N GLU A 38 -13.22 -23.11 -31.41
CA GLU A 38 -14.20 -23.31 -30.36
C GLU A 38 -15.51 -22.66 -30.73
N ARG A 39 -15.47 -21.49 -31.36
CA ARG A 39 -16.71 -20.78 -31.67
C ARG A 39 -17.49 -21.52 -32.72
N ALA A 40 -16.96 -22.63 -33.20
CA ALA A 40 -17.69 -23.44 -34.16
C ALA A 40 -18.27 -24.65 -33.47
N LEU A 41 -17.49 -25.33 -32.64
CA LEU A 41 -17.97 -26.53 -32.01
C LEU A 41 -19.28 -26.23 -31.33
N ASN A 42 -19.49 -24.99 -30.95
CA ASN A 42 -20.69 -24.66 -30.21
C ASN A 42 -21.97 -24.90 -31.00
N VAL A 43 -21.88 -25.07 -32.32
CA VAL A 43 -23.07 -25.28 -33.14
C VAL A 43 -23.06 -26.64 -33.78
N LEU A 44 -22.07 -27.44 -33.42
CA LEU A 44 -21.98 -28.78 -33.99
C LEU A 44 -22.23 -29.82 -32.92
N VAL A 45 -22.51 -29.40 -31.69
CA VAL A 45 -22.84 -30.36 -30.67
C VAL A 45 -24.34 -30.46 -30.57
N PRO A 46 -25.02 -29.31 -30.47
CA PRO A 46 -26.46 -29.50 -30.36
C PRO A 46 -26.98 -30.36 -31.50
N ILE A 47 -26.47 -30.17 -32.71
CA ILE A 47 -26.99 -30.91 -33.86
C ILE A 47 -26.87 -32.42 -33.67
N PHE A 48 -25.70 -32.90 -33.31
CA PHE A 48 -25.51 -34.34 -33.19
C PHE A 48 -26.50 -34.94 -32.19
N TYR A 49 -26.89 -34.19 -31.16
CA TYR A 49 -27.76 -34.76 -30.17
C TYR A 49 -29.02 -35.24 -30.84
N ARG A 50 -29.53 -34.47 -31.77
CA ARG A 50 -30.77 -34.84 -32.43
C ARG A 50 -30.62 -36.19 -33.07
N ASN A 51 -29.53 -36.40 -33.79
CA ASN A 51 -29.38 -37.65 -34.51
C ASN A 51 -29.53 -38.84 -33.56
N ILE A 52 -28.92 -38.77 -32.38
CA ILE A 52 -28.98 -39.94 -31.50
C ILE A 52 -30.35 -40.09 -30.88
N VAL A 53 -31.26 -39.17 -31.16
CA VAL A 53 -32.61 -39.35 -30.65
C VAL A 53 -33.52 -39.85 -31.77
N ASN A 54 -33.27 -39.43 -33.00
CA ASN A 54 -34.07 -39.90 -34.12
C ASN A 54 -33.88 -41.39 -34.30
N LEU A 55 -32.63 -41.84 -34.32
CA LEU A 55 -32.37 -43.25 -34.57
C LEU A 55 -33.07 -44.09 -33.53
N LEU A 56 -32.99 -43.65 -32.28
CA LEU A 56 -33.57 -44.44 -31.23
C LEU A 56 -35.07 -44.55 -31.42
N THR A 57 -35.69 -43.53 -31.97
CA THR A 57 -37.13 -43.55 -32.16
C THR A 57 -37.57 -44.57 -33.18
N GLU A 58 -36.83 -44.69 -34.27
CA GLU A 58 -37.22 -45.61 -35.34
C GLU A 58 -36.63 -47.00 -35.19
N LYS A 59 -35.74 -47.19 -34.23
CA LYS A 59 -35.11 -48.49 -33.99
C LYS A 59 -33.95 -48.76 -34.95
N ALA A 60 -32.90 -49.40 -34.45
CA ALA A 60 -31.73 -49.70 -35.28
C ALA A 60 -30.78 -50.67 -34.59
N PRO A 61 -29.83 -51.24 -35.33
CA PRO A 61 -28.90 -52.23 -34.75
C PRO A 61 -27.98 -51.65 -33.72
N TRP A 62 -27.66 -52.44 -32.69
CA TRP A 62 -26.79 -51.96 -31.62
C TRP A 62 -25.52 -51.42 -32.20
N ASN A 63 -25.03 -52.02 -33.27
CA ASN A 63 -23.76 -51.60 -33.83
C ASN A 63 -23.81 -50.17 -34.31
N SER A 64 -24.75 -49.84 -35.18
CA SER A 64 -24.78 -48.49 -35.73
C SER A 64 -24.97 -47.44 -34.66
N LEU A 65 -25.95 -47.65 -33.79
CA LEU A 65 -26.23 -46.66 -32.76
C LEU A 65 -24.97 -46.44 -31.96
N ALA A 66 -24.25 -47.50 -31.67
CA ALA A 66 -23.07 -47.35 -30.83
C ALA A 66 -22.03 -46.44 -31.43
N TRP A 67 -21.71 -46.59 -32.70
CA TRP A 67 -20.66 -45.77 -33.27
C TRP A 67 -21.12 -44.35 -33.44
N THR A 68 -22.38 -44.07 -33.15
CA THR A 68 -22.83 -42.69 -33.22
C THR A 68 -22.64 -42.04 -31.86
N VAL A 69 -23.15 -42.67 -30.82
CA VAL A 69 -23.07 -42.08 -29.50
C VAL A 69 -21.65 -41.63 -29.22
N THR A 70 -20.67 -42.47 -29.56
CA THR A 70 -19.30 -42.11 -29.22
C THR A 70 -19.03 -40.71 -29.68
N SER A 71 -19.50 -40.37 -30.86
CA SER A 71 -19.18 -39.05 -31.38
C SER A 71 -19.63 -37.97 -30.42
N TYR A 72 -20.88 -38.03 -29.97
CA TYR A 72 -21.40 -36.98 -29.10
C TYR A 72 -20.82 -37.08 -27.71
N VAL A 73 -19.83 -37.94 -27.49
CA VAL A 73 -19.24 -37.94 -26.17
C VAL A 73 -17.79 -37.65 -26.34
N PHE A 74 -17.43 -37.19 -27.51
CA PHE A 74 -16.07 -36.80 -27.72
C PHE A 74 -16.18 -35.31 -27.86
N LEU A 75 -17.03 -34.85 -28.76
CA LEU A 75 -17.12 -33.42 -29.00
C LEU A 75 -17.44 -32.71 -27.69
N LYS A 76 -18.16 -33.34 -26.78
CA LYS A 76 -18.39 -32.69 -25.51
C LYS A 76 -17.08 -32.49 -24.77
N PHE A 77 -16.23 -33.51 -24.76
CA PHE A 77 -14.97 -33.41 -24.06
C PHE A 77 -14.21 -32.21 -24.57
N LEU A 78 -14.11 -32.06 -25.88
CA LEU A 78 -13.32 -30.97 -26.42
C LEU A 78 -13.89 -29.60 -26.12
N GLN A 79 -15.21 -29.44 -26.21
CA GLN A 79 -15.80 -28.13 -25.99
C GLN A 79 -15.73 -27.75 -24.56
N GLY A 80 -16.21 -28.63 -23.70
CA GLY A 80 -16.17 -28.37 -22.29
C GLY A 80 -17.44 -27.75 -21.77
N GLY A 81 -17.34 -27.03 -20.67
CA GLY A 81 -18.52 -26.44 -20.07
C GLY A 81 -19.26 -25.44 -20.92
N GLY A 82 -18.54 -24.51 -21.53
CA GLY A 82 -19.21 -23.47 -22.32
C GLY A 82 -18.30 -22.39 -22.86
N THR A 83 -18.79 -21.15 -22.87
CA THR A 83 -18.02 -20.06 -23.44
C THR A 83 -17.24 -19.29 -22.39
N GLY A 84 -17.25 -19.77 -21.16
CA GLY A 84 -16.48 -19.12 -20.12
C GLY A 84 -16.02 -20.10 -19.06
N SER A 85 -15.26 -21.11 -19.45
CA SER A 85 -14.84 -22.13 -18.50
C SER A 85 -13.68 -22.94 -19.03
N THR A 86 -13.57 -24.19 -18.59
CA THR A 86 -12.46 -25.02 -19.01
C THR A 86 -12.80 -25.86 -20.23
N GLY A 87 -12.05 -26.93 -20.45
CA GLY A 87 -12.25 -27.78 -21.62
C GLY A 87 -10.93 -28.35 -22.03
N PHE A 88 -10.71 -28.55 -23.33
CA PHE A 88 -9.42 -29.02 -23.78
C PHE A 88 -8.97 -28.24 -24.99
N VAL A 89 -9.83 -27.41 -25.55
CA VAL A 89 -9.38 -26.58 -26.65
C VAL A 89 -9.36 -25.19 -26.12
N SER A 90 -9.41 -25.07 -24.81
CA SER A 90 -9.32 -23.77 -24.20
C SER A 90 -8.12 -23.75 -23.30
N ASN A 91 -8.02 -24.73 -22.42
CA ASN A 91 -6.88 -24.80 -21.55
C ASN A 91 -5.62 -24.74 -22.38
N LEU A 92 -5.62 -25.33 -23.56
CA LEU A 92 -4.39 -25.35 -24.33
C LEU A 92 -4.03 -23.96 -24.79
N ARG A 93 -4.89 -22.97 -24.56
CA ARG A 93 -4.51 -21.60 -24.89
C ARG A 93 -4.03 -20.87 -23.65
N THR A 94 -4.62 -21.17 -22.50
CA THR A 94 -4.23 -20.50 -21.28
C THR A 94 -2.94 -21.08 -20.78
N PHE A 95 -2.21 -21.75 -21.66
CA PHE A 95 -0.90 -22.27 -21.29
C PHE A 95 0.10 -21.77 -22.30
N LEU A 96 -0.37 -20.96 -23.25
CA LEU A 96 0.55 -20.39 -24.21
C LEU A 96 0.40 -18.90 -24.19
N TRP A 97 -0.19 -18.38 -23.13
CA TRP A 97 -0.34 -16.95 -23.01
C TRP A 97 0.48 -16.48 -21.83
N ILE A 98 0.76 -17.39 -20.91
CA ILE A 98 1.51 -17.01 -19.73
C ILE A 98 2.72 -16.23 -20.13
N ARG A 99 3.26 -16.50 -21.30
CA ARG A 99 4.51 -15.84 -21.68
C ARG A 99 4.27 -14.53 -22.41
N VAL A 100 3.02 -14.10 -22.54
CA VAL A 100 2.78 -12.80 -23.14
C VAL A 100 2.13 -11.90 -22.12
N GLN A 101 1.79 -12.44 -20.96
CA GLN A 101 1.24 -11.62 -19.91
C GLN A 101 2.36 -11.36 -18.96
N GLN A 102 3.59 -11.50 -19.43
CA GLN A 102 4.73 -11.18 -18.60
C GLN A 102 5.63 -10.26 -19.38
N PHE A 103 5.17 -9.78 -20.52
CA PHE A 103 5.93 -8.83 -21.30
C PHE A 103 5.07 -7.61 -21.38
N THR A 104 3.97 -7.61 -20.64
CA THR A 104 3.11 -6.46 -20.62
C THR A 104 2.84 -6.16 -19.20
N SER A 105 3.47 -6.88 -18.30
CA SER A 105 3.32 -6.59 -16.88
C SER A 105 4.66 -6.25 -16.36
N ARG A 106 5.57 -5.90 -17.24
CA ARG A 106 6.85 -5.44 -16.82
C ARG A 106 6.89 -4.10 -17.43
N ARG A 107 6.74 -4.05 -18.74
CA ARG A 107 6.88 -2.79 -19.41
C ARG A 107 6.01 -1.73 -18.74
N VAL A 108 4.94 -2.12 -18.07
CA VAL A 108 4.06 -1.11 -17.48
C VAL A 108 4.35 -0.95 -16.02
N GLU A 109 5.48 -1.42 -15.56
CA GLU A 109 5.85 -1.19 -14.18
C GLU A 109 7.08 -0.36 -14.18
N LEU A 110 8.07 -0.72 -14.97
CA LEU A 110 9.26 0.09 -15.09
C LEU A 110 8.94 1.34 -15.87
N LEU A 111 7.72 1.85 -15.75
CA LEU A 111 7.34 3.09 -16.40
C LEU A 111 6.56 3.94 -15.43
N ILE A 112 6.09 3.37 -14.32
CA ILE A 112 5.44 4.16 -13.32
C ILE A 112 6.35 4.18 -12.14
N PHE A 113 7.59 3.75 -12.32
CA PHE A 113 8.58 3.84 -11.25
C PHE A 113 9.73 4.55 -11.85
N SER A 114 9.54 5.13 -13.01
CA SER A 114 10.58 5.94 -13.56
C SER A 114 10.04 7.33 -13.50
N HIS A 115 8.85 7.50 -14.02
CA HIS A 115 8.24 8.80 -14.02
C HIS A 115 8.20 9.32 -12.59
N LEU A 116 7.93 8.51 -11.60
CA LEU A 116 7.82 9.06 -10.26
C LEU A 116 9.17 9.60 -9.82
N HIS A 117 10.22 9.31 -10.59
CA HIS A 117 11.55 9.75 -10.16
C HIS A 117 12.18 10.72 -11.13
N GLU A 118 11.35 11.43 -11.87
CA GLU A 118 11.87 12.47 -12.72
C GLU A 118 10.99 13.67 -12.51
N LEU A 119 9.99 13.55 -11.67
CA LEU A 119 9.18 14.72 -11.34
C LEU A 119 9.99 15.64 -10.44
N SER A 120 9.63 16.91 -10.30
CA SER A 120 10.46 17.87 -9.55
C SER A 120 10.14 18.02 -8.10
N LEU A 121 10.89 18.88 -7.41
CA LEU A 121 10.72 19.00 -5.97
C LEU A 121 9.39 19.51 -5.54
N ARG A 122 8.94 20.62 -6.09
CA ARG A 122 7.71 21.16 -5.58
C ARG A 122 6.72 20.05 -5.37
N TRP A 123 6.49 19.23 -6.38
CA TRP A 123 5.46 18.24 -6.25
C TRP A 123 5.77 17.37 -5.09
N HIS A 124 6.98 16.87 -5.03
CA HIS A 124 7.27 15.91 -3.99
C HIS A 124 7.04 16.45 -2.58
N LEU A 125 7.37 17.69 -2.27
CA LEU A 125 7.20 18.13 -0.90
C LEU A 125 5.77 18.46 -0.63
N GLY A 126 4.85 17.80 -1.32
CA GLY A 126 3.44 18.03 -1.09
C GLY A 126 2.51 16.87 -1.33
N ARG A 127 3.05 15.67 -1.46
CA ARG A 127 2.23 14.53 -1.76
C ARG A 127 1.66 13.95 -0.53
N ARG A 128 1.02 12.81 -0.65
CA ARG A 128 0.53 12.13 0.54
C ARG A 128 0.99 10.70 0.43
N THR A 129 2.15 10.38 0.97
CA THR A 129 2.72 9.06 0.80
C THR A 129 1.65 8.06 0.68
N GLY A 130 0.78 8.02 1.66
CA GLY A 130 -0.23 6.99 1.65
C GLY A 130 -0.72 6.71 0.27
N GLU A 131 -1.20 7.72 -0.44
CA GLU A 131 -1.79 7.46 -1.73
C GLU A 131 -0.78 7.11 -2.79
N VAL A 132 0.28 7.87 -2.96
CA VAL A 132 1.18 7.59 -4.07
C VAL A 132 1.57 6.13 -4.10
N LEU A 133 1.90 5.52 -2.97
CA LEU A 133 2.20 4.09 -2.99
C LEU A 133 1.03 3.30 -3.55
N ARG A 134 -0.14 3.43 -2.98
CA ARG A 134 -1.25 2.62 -3.45
C ARG A 134 -1.37 2.71 -4.96
N ILE A 135 -1.57 3.90 -5.50
CA ILE A 135 -1.79 4.02 -6.93
C ILE A 135 -0.78 3.23 -7.71
N ALA A 136 0.39 3.05 -7.16
CA ALA A 136 1.42 2.38 -7.92
C ALA A 136 1.59 0.91 -7.60
N ASP A 137 0.72 0.33 -6.80
CA ASP A 137 0.82 -1.11 -6.56
C ASP A 137 -0.39 -1.85 -7.06
N ARG A 138 -1.55 -1.23 -7.02
CA ARG A 138 -2.72 -1.86 -7.58
C ARG A 138 -2.75 -1.55 -9.06
N GLY A 139 -2.12 -0.46 -9.44
CA GLY A 139 -2.18 -0.02 -10.83
C GLY A 139 -1.70 -0.95 -11.91
N THR A 140 -0.71 -1.79 -11.64
CA THR A 140 -0.16 -2.62 -12.69
C THR A 140 -0.89 -3.92 -12.84
N SER A 141 -2.04 -4.06 -12.19
CA SER A 141 -2.83 -5.27 -12.31
C SER A 141 -4.10 -4.98 -13.07
N SER A 142 -4.51 -3.72 -13.08
CA SER A 142 -5.68 -3.36 -13.84
C SER A 142 -5.46 -3.53 -15.32
N VAL A 143 -4.40 -2.96 -15.86
CA VAL A 143 -4.17 -3.00 -17.30
C VAL A 143 -3.76 -4.37 -17.80
N THR A 144 -3.76 -5.37 -16.92
CA THR A 144 -3.44 -6.73 -17.33
C THR A 144 -4.52 -7.68 -16.92
N GLY A 145 -5.59 -7.14 -16.35
CA GLY A 145 -6.70 -7.96 -15.92
C GLY A 145 -7.96 -7.60 -16.66
N LEU A 146 -7.93 -6.51 -17.42
CA LEU A 146 -9.08 -6.10 -18.22
C LEU A 146 -8.85 -6.54 -19.65
N LEU A 147 -7.63 -6.45 -20.13
CA LEU A 147 -7.33 -6.90 -21.47
C LEU A 147 -7.62 -8.38 -21.56
N SER A 148 -7.99 -8.99 -20.44
CA SER A 148 -8.27 -10.41 -20.43
C SER A 148 -9.73 -10.65 -20.15
N TYR A 149 -10.56 -9.65 -20.28
CA TYR A 149 -11.98 -9.86 -20.12
C TYR A 149 -12.62 -9.02 -21.18
N LEU A 150 -11.83 -8.67 -22.18
CA LEU A 150 -12.36 -7.90 -23.30
C LEU A 150 -11.88 -8.53 -24.57
N VAL A 151 -11.25 -9.69 -24.46
CA VAL A 151 -10.81 -10.39 -25.64
C VAL A 151 -10.89 -11.87 -25.38
N PHE A 152 -11.59 -12.27 -24.33
CA PHE A 152 -11.79 -13.70 -24.09
C PHE A 152 -13.13 -14.04 -23.47
N ASN A 153 -13.86 -13.07 -22.94
CA ASN A 153 -15.21 -13.36 -22.44
C ASN A 153 -16.29 -12.43 -22.99
N VAL A 154 -15.92 -11.28 -23.54
CA VAL A 154 -16.92 -10.40 -24.15
C VAL A 154 -17.00 -10.64 -25.63
N ILE A 155 -16.02 -10.17 -26.39
CA ILE A 155 -16.10 -10.31 -27.83
C ILE A 155 -16.53 -11.71 -28.21
N PRO A 156 -15.92 -12.73 -27.61
CA PRO A 156 -16.42 -14.04 -28.02
C PRO A 156 -17.92 -14.14 -27.84
N THR A 157 -18.46 -13.85 -26.66
CA THR A 157 -19.89 -14.04 -26.45
C THR A 157 -20.70 -13.38 -27.54
N LEU A 158 -20.36 -12.15 -27.87
CA LEU A 158 -21.14 -11.42 -28.85
C LEU A 158 -21.22 -12.17 -30.16
N ALA A 159 -20.10 -12.72 -30.60
CA ALA A 159 -20.09 -13.38 -31.90
C ALA A 159 -21.09 -14.49 -31.91
N ASP A 160 -21.28 -15.15 -30.77
CA ASP A 160 -22.16 -16.31 -30.77
C ASP A 160 -23.61 -15.94 -31.09
N ILE A 161 -24.11 -14.86 -30.50
CA ILE A 161 -25.50 -14.51 -30.73
C ILE A 161 -25.75 -14.37 -32.22
N ILE A 162 -24.84 -13.71 -32.93
CA ILE A 162 -25.03 -13.50 -34.36
C ILE A 162 -25.11 -14.81 -35.11
N ILE A 163 -24.15 -15.71 -34.90
CA ILE A 163 -24.14 -16.95 -35.64
C ILE A 163 -25.48 -17.62 -35.43
N GLY A 164 -26.03 -17.46 -34.25
CA GLY A 164 -27.33 -18.04 -33.97
C GLY A 164 -28.44 -17.51 -34.84
N ILE A 165 -28.50 -16.21 -35.03
CA ILE A 165 -29.55 -15.62 -35.83
C ILE A 165 -29.43 -16.02 -37.31
N ILE A 166 -28.21 -16.17 -37.80
CA ILE A 166 -28.05 -16.61 -39.17
C ILE A 166 -28.69 -17.96 -39.29
N TYR A 167 -28.35 -18.87 -38.39
CA TYR A 167 -29.00 -20.16 -38.38
C TYR A 167 -30.34 -19.82 -37.78
N PHE A 168 -31.21 -20.80 -37.59
CA PHE A 168 -32.53 -20.50 -37.10
C PHE A 168 -33.25 -19.59 -38.05
N SER A 169 -32.68 -19.35 -39.23
CA SER A 169 -33.34 -18.52 -40.23
C SER A 169 -33.18 -19.11 -41.62
N MET A 170 -31.99 -19.62 -41.89
CA MET A 170 -31.76 -20.26 -43.17
C MET A 170 -31.61 -21.77 -43.01
N PHE A 171 -32.08 -22.31 -41.90
CA PHE A 171 -32.03 -23.76 -41.71
C PHE A 171 -33.13 -24.28 -40.79
N PHE A 172 -34.05 -23.43 -40.36
CA PHE A 172 -35.07 -23.86 -39.43
C PHE A 172 -36.22 -22.86 -39.34
N ASN A 173 -37.34 -23.15 -40.01
CA ASN A 173 -38.53 -22.29 -39.94
C ASN A 173 -38.36 -20.88 -40.42
N ALA A 174 -37.45 -20.13 -39.81
CA ALA A 174 -37.16 -18.75 -40.22
C ALA A 174 -38.12 -17.75 -39.66
N TRP A 175 -39.05 -18.20 -38.83
CA TRP A 175 -39.91 -17.24 -38.19
C TRP A 175 -39.39 -17.10 -36.78
N PHE A 176 -38.85 -18.18 -36.23
CA PHE A 176 -38.31 -18.14 -34.88
C PHE A 176 -37.22 -17.10 -34.81
N GLY A 177 -36.37 -17.06 -35.83
CA GLY A 177 -35.32 -16.08 -35.86
C GLY A 177 -35.74 -14.75 -35.27
N LEU A 178 -36.85 -14.21 -35.74
CA LEU A 178 -37.26 -12.89 -35.28
C LEU A 178 -37.27 -12.85 -33.78
N ILE A 179 -37.82 -13.89 -33.15
CA ILE A 179 -37.92 -13.88 -31.70
C ILE A 179 -36.58 -13.57 -31.07
N VAL A 180 -35.55 -14.34 -31.42
CA VAL A 180 -34.25 -14.12 -30.81
C VAL A 180 -33.77 -12.69 -30.98
N PHE A 181 -33.89 -12.14 -32.18
CA PHE A 181 -33.37 -10.80 -32.44
C PHE A 181 -33.97 -9.78 -31.51
N LEU A 182 -35.29 -9.73 -31.46
CA LEU A 182 -35.91 -8.71 -30.65
C LEU A 182 -35.47 -8.85 -29.22
N CYS A 183 -35.40 -10.08 -28.72
CA CYS A 183 -35.07 -10.26 -27.32
C CYS A 183 -33.75 -9.60 -27.00
N MET A 184 -32.74 -9.87 -27.82
CA MET A 184 -31.43 -9.32 -27.54
C MET A 184 -31.48 -7.81 -27.56
N SER A 185 -32.18 -7.24 -28.53
CA SER A 185 -32.18 -5.80 -28.63
C SER A 185 -32.66 -5.17 -27.35
N LEU A 186 -33.78 -5.65 -26.84
CA LEU A 186 -34.32 -5.07 -25.64
C LEU A 186 -33.31 -5.23 -24.52
N TYR A 187 -32.62 -6.36 -24.46
CA TYR A 187 -31.68 -6.60 -23.37
C TYR A 187 -30.70 -5.46 -23.31
N LEU A 188 -30.19 -5.07 -24.46
CA LEU A 188 -29.24 -3.99 -24.49
C LEU A 188 -29.87 -2.67 -24.10
N THR A 189 -31.00 -2.33 -24.69
CA THR A 189 -31.58 -1.02 -24.42
C THR A 189 -31.97 -0.82 -22.98
N LEU A 190 -31.91 -1.87 -22.16
CA LEU A 190 -32.19 -1.68 -20.75
C LEU A 190 -30.89 -1.45 -20.01
N THR A 191 -29.86 -2.16 -20.41
CA THR A 191 -28.57 -1.98 -19.77
C THR A 191 -28.17 -0.53 -19.85
N ILE A 192 -28.22 0.04 -21.06
CA ILE A 192 -27.76 1.42 -21.25
C ILE A 192 -28.56 2.41 -20.41
N VAL A 193 -29.87 2.28 -20.42
CA VAL A 193 -30.67 3.23 -19.69
C VAL A 193 -30.31 3.17 -18.22
N VAL A 194 -30.22 1.97 -17.66
CA VAL A 194 -29.99 1.88 -16.22
C VAL A 194 -28.57 2.28 -15.83
N THR A 195 -27.58 1.89 -16.61
CA THR A 195 -26.21 2.18 -16.22
C THR A 195 -26.05 3.65 -15.89
N GLU A 196 -26.60 4.52 -16.73
CA GLU A 196 -26.40 5.95 -16.50
C GLU A 196 -27.08 6.42 -15.23
N TRP A 197 -28.31 5.99 -15.00
CA TRP A 197 -29.02 6.46 -13.83
C TRP A 197 -28.21 6.14 -12.61
N ARG A 198 -27.49 5.03 -12.65
CA ARG A 198 -26.68 4.63 -11.51
C ARG A 198 -25.45 5.50 -11.37
N THR A 199 -24.84 5.91 -12.48
CA THR A 199 -23.59 6.66 -12.41
C THR A 199 -23.60 7.81 -11.42
N LYS A 200 -24.74 8.45 -11.27
CA LYS A 200 -24.84 9.52 -10.30
C LYS A 200 -24.28 9.09 -8.95
N PHE A 201 -24.44 7.83 -8.60
CA PHE A 201 -24.00 7.35 -7.30
C PHE A 201 -22.54 6.97 -7.24
N ARG A 202 -22.10 6.09 -8.14
CA ARG A 202 -20.73 5.61 -8.10
C ARG A 202 -19.72 6.74 -8.03
N ARG A 203 -20.05 7.88 -8.61
CA ARG A 203 -19.11 8.99 -8.65
C ARG A 203 -18.84 9.55 -7.28
N ALA A 204 -19.87 9.66 -6.47
CA ALA A 204 -19.71 10.26 -5.14
C ALA A 204 -19.28 9.24 -4.10
N MET A 205 -18.68 8.15 -4.54
CA MET A 205 -18.18 7.19 -3.59
C MET A 205 -16.68 7.30 -3.59
N ASN A 206 -16.10 7.32 -4.77
CA ASN A 206 -14.66 7.34 -4.83
C ASN A 206 -14.08 8.46 -3.99
N THR A 207 -14.60 9.67 -4.13
CA THR A 207 -14.01 10.81 -3.44
C THR A 207 -13.94 10.61 -1.94
N GLN A 208 -15.06 10.32 -1.30
CA GLN A 208 -15.06 10.18 0.13
C GLN A 208 -14.08 9.10 0.53
N GLU A 209 -13.97 8.06 -0.29
CA GLU A 209 -13.12 6.94 0.08
C GLU A 209 -11.68 7.36 0.28
N ASN A 210 -11.11 8.08 -0.67
CA ASN A 210 -9.70 8.40 -0.54
C ASN A 210 -9.43 9.31 0.64
N ALA A 211 -10.48 9.87 1.23
CA ALA A 211 -10.29 10.77 2.35
C ALA A 211 -10.72 10.14 3.66
N THR A 212 -11.02 8.85 3.65
CA THR A 212 -11.38 8.16 4.87
C THR A 212 -10.21 7.29 5.25
N ARG A 213 -9.05 7.59 4.72
CA ARG A 213 -7.89 6.79 4.99
C ARG A 213 -6.69 7.67 5.31
N ALA A 214 -6.72 8.92 4.87
CA ALA A 214 -5.56 9.78 5.07
C ALA A 214 -5.18 9.92 6.53
N ARG A 215 -6.10 10.42 7.34
CA ARG A 215 -5.82 10.58 8.75
C ARG A 215 -5.80 9.22 9.39
N ALA A 216 -5.01 8.31 8.84
CA ALA A 216 -4.91 6.99 9.39
C ALA A 216 -3.64 6.37 8.91
N VAL A 217 -3.16 6.77 7.75
CA VAL A 217 -1.89 6.26 7.30
C VAL A 217 -0.90 7.35 7.60
N ASP A 218 -1.31 8.33 8.39
CA ASP A 218 -0.40 9.40 8.79
C ASP A 218 -0.29 9.44 10.28
N SER A 219 -0.82 8.42 10.94
CA SER A 219 -0.70 8.34 12.38
C SER A 219 -0.02 7.05 12.66
N LEU A 220 0.61 6.48 11.64
CA LEU A 220 1.34 5.25 11.82
C LEU A 220 2.71 5.54 11.28
N LEU A 221 2.88 6.70 10.68
CA LEU A 221 4.18 7.08 10.18
C LEU A 221 4.85 7.92 11.25
N ASN A 222 4.12 8.84 11.84
CA ASN A 222 4.67 9.65 12.92
C ASN A 222 4.31 9.02 14.25
N PHE A 223 4.92 7.88 14.57
CA PHE A 223 4.56 7.18 15.79
C PHE A 223 4.89 7.89 17.09
N GLU A 224 6.11 8.34 17.27
CA GLU A 224 6.50 8.94 18.56
C GLU A 224 5.48 9.92 19.10
N THR A 225 5.17 10.96 18.34
CA THR A 225 4.28 12.00 18.84
C THR A 225 2.95 11.46 19.35
N VAL A 226 2.49 10.33 18.83
CA VAL A 226 1.20 9.82 19.24
C VAL A 226 1.38 9.01 20.50
N LYS A 227 2.57 9.08 21.10
CA LYS A 227 2.80 8.41 22.37
C LYS A 227 3.16 9.42 23.43
N TYR A 228 4.15 10.26 23.14
CA TYR A 228 4.58 11.25 24.12
C TYR A 228 3.38 11.96 24.69
N TYR A 229 2.52 12.49 23.83
CA TYR A 229 1.36 13.21 24.30
C TYR A 229 0.22 12.26 24.49
N ASN A 230 0.53 11.02 24.85
CA ASN A 230 -0.50 10.02 25.08
C ASN A 230 -1.40 9.81 23.89
N ALA A 231 -2.61 10.35 23.91
CA ALA A 231 -3.52 10.09 22.82
C ALA A 231 -3.68 8.61 22.69
N GLU A 232 -3.62 8.09 21.47
CA GLU A 232 -3.80 6.66 21.23
C GLU A 232 -5.25 6.24 21.37
N SER A 233 -6.12 7.20 21.62
CA SER A 233 -7.55 6.90 21.67
C SER A 233 -8.20 7.94 20.85
N TYR A 234 -7.87 9.19 21.11
CA TYR A 234 -8.40 10.26 20.30
C TYR A 234 -8.34 9.79 18.87
N GLU A 235 -7.40 8.93 18.53
CA GLU A 235 -7.26 8.50 17.14
C GLU A 235 -8.24 7.40 16.80
N VAL A 236 -8.21 6.30 17.52
CA VAL A 236 -9.06 5.18 17.15
C VAL A 236 -10.47 5.67 16.95
N GLU A 237 -10.91 6.61 17.75
CA GLU A 237 -12.28 7.05 17.62
C GLU A 237 -12.49 7.74 16.30
N ARG A 238 -11.63 8.69 15.97
CA ARG A 238 -11.88 9.43 14.76
C ARG A 238 -12.06 8.45 13.62
N TYR A 239 -11.29 7.37 13.61
CA TYR A 239 -11.39 6.44 12.51
C TYR A 239 -12.79 5.90 12.46
N ARG A 240 -13.31 5.47 13.59
CA ARG A 240 -14.62 4.84 13.57
C ARG A 240 -15.64 5.77 12.98
N GLU A 241 -15.55 7.05 13.28
CA GLU A 241 -16.57 7.97 12.81
C GLU A 241 -16.41 8.28 11.34
N ALA A 242 -15.48 7.63 10.68
CA ALA A 242 -15.36 7.85 9.26
C ALA A 242 -15.54 6.57 8.48
N ILE A 243 -15.60 5.45 9.19
CA ILE A 243 -15.85 4.21 8.51
C ILE A 243 -17.34 4.02 8.52
N ILE A 244 -18.07 4.97 9.08
CA ILE A 244 -19.52 4.89 9.07
C ILE A 244 -20.08 5.62 7.88
N LYS A 245 -19.60 6.83 7.64
CA LYS A 245 -20.11 7.60 6.52
C LYS A 245 -19.90 6.86 5.22
N TYR A 246 -18.72 6.29 5.03
CA TYR A 246 -18.45 5.61 3.79
C TYR A 246 -19.48 4.53 3.61
N GLN A 247 -19.73 3.79 4.65
CA GLN A 247 -20.64 2.67 4.50
C GLN A 247 -22.00 3.16 4.07
N GLY A 248 -22.53 4.16 4.75
CA GLY A 248 -23.86 4.61 4.44
C GLY A 248 -24.05 4.98 2.98
N LEU A 249 -22.96 5.19 2.26
CA LEU A 249 -23.07 5.62 0.87
C LEU A 249 -22.60 4.54 -0.06
N GLU A 250 -22.65 3.31 0.38
CA GLU A 250 -22.33 2.23 -0.51
C GLU A 250 -23.51 1.29 -0.58
N TRP A 251 -24.35 1.30 0.44
CA TRP A 251 -25.54 0.48 0.41
C TRP A 251 -26.42 1.04 -0.65
N LYS A 252 -26.02 2.15 -1.24
CA LYS A 252 -26.80 2.70 -2.33
C LYS A 252 -26.31 2.14 -3.64
N SER A 253 -25.00 2.05 -3.81
CA SER A 253 -24.44 1.56 -5.06
C SER A 253 -24.20 0.08 -5.03
N SER A 254 -24.62 -0.58 -3.96
CA SER A 254 -24.51 -2.02 -3.91
C SER A 254 -25.89 -2.59 -3.92
N ALA A 255 -26.87 -1.75 -4.21
CA ALA A 255 -28.23 -2.23 -4.33
C ALA A 255 -28.71 -1.89 -5.71
N SER A 256 -28.25 -0.78 -6.26
CA SER A 256 -28.61 -0.48 -7.62
C SER A 256 -28.29 -1.69 -8.45
N LEU A 257 -27.12 -2.28 -8.22
CA LEU A 257 -26.72 -3.41 -9.03
C LEU A 257 -27.75 -4.53 -8.96
N VAL A 258 -28.27 -4.84 -7.78
CA VAL A 258 -29.22 -5.92 -7.69
C VAL A 258 -30.39 -5.63 -8.61
N LEU A 259 -30.83 -4.38 -8.68
CA LEU A 259 -31.89 -4.05 -9.62
C LEU A 259 -31.48 -4.38 -11.06
N LEU A 260 -30.33 -3.91 -11.50
CA LEU A 260 -29.91 -4.14 -12.87
C LEU A 260 -29.79 -5.60 -13.16
N ASN A 261 -29.57 -6.41 -12.13
CA ASN A 261 -29.36 -7.82 -12.37
C ASN A 261 -30.64 -8.62 -12.25
N GLN A 262 -31.76 -7.95 -11.99
CA GLN A 262 -33.04 -8.64 -11.96
C GLN A 262 -33.83 -8.29 -13.19
N THR A 263 -33.84 -7.02 -13.57
CA THR A 263 -34.53 -6.62 -14.79
C THR A 263 -34.09 -7.48 -15.95
N GLN A 264 -32.78 -7.58 -16.16
CA GLN A 264 -32.29 -8.35 -17.27
C GLN A 264 -32.87 -9.75 -17.23
N ASN A 265 -33.08 -10.31 -16.05
CA ASN A 265 -33.57 -11.68 -15.97
C ASN A 265 -34.94 -11.77 -16.63
N LEU A 266 -35.80 -10.79 -16.40
CA LEU A 266 -37.14 -10.87 -16.93
C LEU A 266 -37.13 -10.89 -18.44
N VAL A 267 -36.36 -10.02 -19.05
CA VAL A 267 -36.36 -9.97 -20.50
C VAL A 267 -36.05 -11.33 -21.04
N ILE A 268 -34.99 -11.95 -20.54
CA ILE A 268 -34.60 -13.27 -21.02
C ILE A 268 -35.74 -14.22 -20.80
N GLY A 269 -36.33 -14.19 -19.62
CA GLY A 269 -37.43 -15.06 -19.34
C GLY A 269 -38.49 -15.06 -20.42
N LEU A 270 -38.98 -13.88 -20.78
CA LEU A 270 -40.07 -13.83 -21.74
C LEU A 270 -39.69 -14.53 -23.03
N GLY A 271 -38.46 -14.40 -23.45
CA GLY A 271 -38.06 -14.99 -24.72
C GLY A 271 -38.32 -16.47 -24.75
N LEU A 272 -37.93 -17.16 -23.70
CA LEU A 272 -38.11 -18.60 -23.68
C LEU A 272 -39.58 -18.93 -23.81
N LEU A 273 -40.44 -18.17 -23.14
CA LEU A 273 -41.87 -18.51 -23.16
C LEU A 273 -42.42 -18.47 -24.57
N ALA A 274 -42.13 -17.41 -25.30
CA ALA A 274 -42.67 -17.28 -26.64
C ALA A 274 -42.23 -18.45 -27.44
N GLY A 275 -40.94 -18.66 -27.49
CA GLY A 275 -40.44 -19.72 -28.32
C GLY A 275 -41.06 -21.07 -28.03
N SER A 276 -41.06 -21.46 -26.77
CA SER A 276 -41.55 -22.80 -26.49
C SER A 276 -43.00 -22.95 -26.94
N LEU A 277 -43.85 -22.01 -26.58
CA LEU A 277 -45.27 -22.17 -26.91
C LEU A 277 -45.43 -22.30 -28.41
N LEU A 278 -44.76 -21.44 -29.15
CA LEU A 278 -44.92 -21.47 -30.60
C LEU A 278 -44.45 -22.79 -31.14
N CYS A 279 -43.25 -23.23 -30.74
CA CYS A 279 -42.73 -24.45 -31.33
C CYS A 279 -43.69 -25.59 -31.07
N ALA A 280 -44.25 -25.66 -29.88
CA ALA A 280 -45.13 -26.79 -29.60
C ALA A 280 -46.33 -26.74 -30.51
N TYR A 281 -46.82 -25.54 -30.78
CA TYR A 281 -48.00 -25.41 -31.60
C TYR A 281 -47.76 -26.03 -32.95
N PHE A 282 -46.64 -25.67 -33.56
CA PHE A 282 -46.41 -26.16 -34.90
C PHE A 282 -46.35 -27.67 -34.90
N VAL A 283 -45.68 -28.27 -33.92
CA VAL A 283 -45.51 -29.72 -33.96
C VAL A 283 -46.86 -30.41 -33.88
N THR A 284 -47.84 -29.75 -33.29
CA THR A 284 -49.17 -30.32 -33.26
C THR A 284 -49.75 -30.31 -34.65
N GLU A 285 -49.59 -29.20 -35.35
CA GLU A 285 -50.16 -29.08 -36.69
C GLU A 285 -49.25 -29.70 -37.73
N GLN A 286 -48.61 -30.81 -37.39
CA GLN A 286 -47.77 -31.51 -38.35
C GLN A 286 -46.95 -30.59 -39.25
N LYS A 287 -45.90 -29.98 -38.72
CA LYS A 287 -45.03 -29.16 -39.55
C LYS A 287 -43.59 -29.49 -39.18
N LEU A 288 -43.32 -29.62 -37.89
CA LEU A 288 -41.99 -30.02 -37.45
C LEU A 288 -42.08 -31.43 -36.90
N GLN A 289 -41.02 -31.96 -36.31
CA GLN A 289 -41.07 -33.30 -35.72
C GLN A 289 -40.54 -33.31 -34.30
N VAL A 290 -40.95 -34.27 -33.48
CA VAL A 290 -40.54 -34.25 -32.08
C VAL A 290 -39.05 -34.01 -31.99
N GLY A 291 -38.33 -34.57 -32.94
CA GLY A 291 -36.89 -34.42 -32.91
C GLY A 291 -36.58 -32.95 -32.83
N ASP A 292 -37.26 -32.16 -33.64
CA ASP A 292 -36.92 -30.75 -33.68
C ASP A 292 -37.10 -30.09 -32.34
N TYR A 293 -38.08 -30.49 -31.57
CA TYR A 293 -38.28 -29.79 -30.32
C TYR A 293 -37.01 -29.94 -29.51
N VAL A 294 -36.38 -31.10 -29.58
CA VAL A 294 -35.21 -31.31 -28.74
C VAL A 294 -34.09 -30.33 -29.07
N LEU A 295 -33.95 -29.94 -30.34
CA LEU A 295 -32.90 -28.99 -30.70
C LEU A 295 -33.19 -27.62 -30.12
N PHE A 296 -34.42 -27.14 -30.27
CA PHE A 296 -34.73 -25.79 -29.80
C PHE A 296 -34.84 -25.78 -28.30
N GLY A 297 -34.49 -26.89 -27.68
CA GLY A 297 -34.51 -26.95 -26.23
C GLY A 297 -33.13 -27.04 -25.66
N THR A 298 -32.14 -27.19 -26.52
CA THR A 298 -30.77 -27.26 -26.05
C THR A 298 -30.01 -26.05 -26.54
N TYR A 299 -30.26 -25.64 -27.78
CA TYR A 299 -29.47 -24.54 -28.29
C TYR A 299 -29.77 -23.32 -27.44
N ILE A 300 -31.04 -23.03 -27.23
CA ILE A 300 -31.35 -21.81 -26.50
C ILE A 300 -30.65 -21.76 -25.16
N ILE A 301 -30.84 -22.77 -24.32
CA ILE A 301 -30.27 -22.71 -22.98
C ILE A 301 -28.79 -22.42 -23.02
N GLN A 302 -28.09 -22.89 -24.05
CA GLN A 302 -26.65 -22.69 -24.08
C GLN A 302 -26.29 -21.44 -24.85
N LEU A 303 -27.26 -20.58 -25.09
CA LEU A 303 -26.99 -19.34 -25.79
C LEU A 303 -27.37 -18.18 -24.92
N TYR A 304 -28.02 -18.46 -23.81
CA TYR A 304 -28.40 -17.40 -22.89
C TYR A 304 -27.64 -17.48 -21.59
N MET A 305 -27.28 -18.68 -21.18
CA MET A 305 -26.54 -18.84 -19.94
C MET A 305 -25.25 -18.04 -19.95
N PRO A 306 -24.49 -18.10 -21.04
CA PRO A 306 -23.25 -17.33 -20.97
C PRO A 306 -23.49 -15.92 -20.50
N LEU A 307 -24.64 -15.33 -20.83
CA LEU A 307 -24.92 -13.94 -20.48
C LEU A 307 -25.11 -13.74 -19.00
N ASN A 308 -25.92 -14.58 -18.38
CA ASN A 308 -26.22 -14.40 -16.97
C ASN A 308 -24.98 -14.42 -16.11
N ALA A 309 -24.02 -15.28 -16.41
CA ALA A 309 -22.87 -15.40 -15.53
C ALA A 309 -22.25 -14.06 -15.24
N PHE A 310 -22.24 -13.17 -16.24
CA PHE A 310 -21.60 -11.87 -16.04
C PHE A 310 -22.24 -11.18 -14.87
N GLY A 311 -23.35 -11.72 -14.39
CA GLY A 311 -24.06 -11.10 -13.30
C GLY A 311 -23.32 -11.08 -11.99
N THR A 312 -22.32 -11.95 -11.83
CA THR A 312 -21.64 -12.02 -10.54
C THR A 312 -20.29 -11.35 -10.56
N TYR A 313 -19.97 -10.65 -11.63
CA TYR A 313 -18.69 -9.98 -11.73
C TYR A 313 -18.81 -8.46 -11.72
N TYR A 314 -19.99 -7.93 -12.06
CA TYR A 314 -20.12 -6.49 -12.19
C TYR A 314 -19.39 -5.77 -11.10
N ARG A 315 -19.35 -6.32 -9.90
CA ARG A 315 -18.72 -5.59 -8.83
C ARG A 315 -17.27 -5.29 -9.14
N MET A 316 -16.50 -6.31 -9.50
CA MET A 316 -15.08 -6.07 -9.71
C MET A 316 -14.80 -5.22 -10.93
N ILE A 317 -15.47 -5.50 -12.05
CA ILE A 317 -15.16 -4.76 -13.28
C ILE A 317 -15.36 -3.26 -13.07
N GLN A 318 -15.94 -2.85 -11.95
CA GLN A 318 -16.05 -1.43 -11.68
C GLN A 318 -14.77 -1.01 -11.04
N THR A 319 -14.42 -1.68 -9.95
CA THR A 319 -13.25 -1.26 -9.19
C THR A 319 -12.05 -1.14 -10.10
N ASN A 320 -11.85 -2.14 -10.95
CA ASN A 320 -10.67 -2.10 -11.82
C ASN A 320 -10.69 -0.87 -12.72
N PHE A 321 -11.84 -0.51 -13.27
CA PHE A 321 -11.89 0.69 -14.08
C PHE A 321 -11.39 1.86 -13.27
N ILE A 322 -11.91 2.05 -12.06
CA ILE A 322 -11.53 3.22 -11.30
C ILE A 322 -10.03 3.32 -11.17
N ASP A 323 -9.37 2.21 -10.84
CA ASP A 323 -7.94 2.28 -10.62
C ASP A 323 -7.16 2.63 -11.89
N MET A 324 -7.55 2.09 -13.02
CA MET A 324 -6.87 2.44 -14.24
C MET A 324 -6.93 3.93 -14.44
N GLU A 325 -8.10 4.51 -14.23
CA GLU A 325 -8.23 5.94 -14.44
C GLU A 325 -7.14 6.67 -13.69
N ASN A 326 -6.97 6.40 -12.41
CA ASN A 326 -5.99 7.14 -11.60
C ASN A 326 -4.57 7.02 -12.11
N MET A 327 -4.12 5.82 -12.42
CA MET A 327 -2.75 5.65 -12.85
C MET A 327 -2.49 6.55 -14.03
N PHE A 328 -3.42 6.60 -14.95
CA PHE A 328 -3.20 7.38 -16.15
C PHE A 328 -2.95 8.83 -15.80
N ASP A 329 -3.69 9.36 -14.84
CA ASP A 329 -3.52 10.75 -14.48
C ASP A 329 -2.09 11.03 -14.09
N LEU A 330 -1.52 10.19 -13.25
CA LEU A 330 -0.14 10.39 -12.82
C LEU A 330 0.78 10.36 -14.03
N LEU A 331 0.59 9.40 -14.91
CA LEU A 331 1.45 9.29 -16.09
C LEU A 331 1.11 10.34 -17.14
N LYS A 332 0.24 11.28 -16.79
CA LYS A 332 -0.17 12.30 -17.76
C LYS A 332 0.24 13.70 -17.36
N GLU A 333 0.95 13.81 -16.24
CA GLU A 333 1.36 15.13 -15.74
C GLU A 333 2.58 15.66 -16.48
N GLU A 334 3.29 16.60 -15.86
CA GLU A 334 4.46 17.17 -16.51
C GLU A 334 5.49 17.69 -15.52
N THR A 335 6.77 17.58 -15.87
CA THR A 335 7.81 18.08 -15.01
C THR A 335 7.79 19.59 -15.03
N GLU A 336 8.31 20.22 -14.00
CA GLU A 336 8.27 21.68 -13.92
C GLU A 336 9.52 22.31 -14.51
N VAL A 337 10.67 22.01 -13.92
CA VAL A 337 11.92 22.58 -14.41
C VAL A 337 12.55 21.64 -15.41
N LYS A 338 12.30 21.86 -16.69
CA LYS A 338 12.81 20.95 -17.71
C LYS A 338 14.17 21.38 -18.21
N ASP A 339 14.60 20.78 -19.31
CA ASP A 339 15.91 21.12 -19.85
C ASP A 339 15.80 21.65 -21.27
N LEU A 340 16.51 22.72 -21.56
CA LEU A 340 16.48 23.30 -22.91
C LEU A 340 16.95 22.28 -23.93
N PRO A 341 16.26 22.24 -25.09
CA PRO A 341 16.64 21.30 -26.13
C PRO A 341 18.10 21.44 -26.49
N GLY A 342 18.71 20.36 -26.96
CA GLY A 342 20.14 20.39 -27.27
C GLY A 342 20.97 20.61 -26.05
N ALA A 343 21.84 21.63 -26.07
CA ALA A 343 22.69 21.94 -24.92
C ALA A 343 23.81 20.95 -24.74
N GLY A 344 24.87 21.34 -24.05
CA GLY A 344 26.02 20.47 -23.89
C GLY A 344 26.66 20.53 -22.52
N PRO A 345 27.65 19.67 -22.27
CA PRO A 345 28.28 19.61 -20.95
C PRO A 345 28.90 20.93 -20.51
N LEU A 346 28.94 21.17 -19.21
CA LEU A 346 29.55 22.39 -18.69
C LEU A 346 31.06 22.28 -18.78
N ARG A 347 31.73 23.35 -19.17
CA ARG A 347 33.19 23.34 -19.30
C ARG A 347 33.81 23.84 -18.02
N PHE A 348 34.08 22.94 -17.09
CA PHE A 348 34.59 23.38 -15.79
C PHE A 348 36.10 23.52 -15.82
N GLN A 349 36.60 24.63 -15.30
CA GLN A 349 38.04 24.87 -15.31
C GLN A 349 38.59 25.28 -13.96
N LYS A 350 37.87 26.13 -13.23
CA LYS A 350 38.39 26.62 -11.97
C LYS A 350 37.43 26.44 -10.80
N GLY A 351 36.27 27.07 -10.88
CA GLY A 351 35.31 26.98 -9.80
C GLY A 351 34.78 28.33 -9.38
N ARG A 352 34.45 29.17 -10.35
CA ARG A 352 33.97 30.52 -10.02
C ARG A 352 32.46 30.64 -10.08
N ILE A 353 31.89 31.44 -9.20
CA ILE A 353 30.44 31.60 -9.12
C ILE A 353 30.12 33.09 -9.00
N GLU A 354 29.02 33.50 -9.65
CA GLU A 354 28.59 34.89 -9.63
C GLU A 354 27.07 34.97 -9.63
N PHE A 355 26.53 35.89 -8.85
CA PHE A 355 25.10 36.19 -8.83
C PHE A 355 24.89 37.60 -9.36
N GLU A 356 23.82 37.78 -10.14
CA GLU A 356 23.57 39.05 -10.84
C GLU A 356 22.11 39.46 -10.63
N ASN A 357 21.83 40.13 -9.52
CA ASN A 357 20.55 40.78 -9.26
C ASN A 357 19.39 39.80 -9.43
N VAL A 358 19.39 38.78 -8.57
CA VAL A 358 18.40 37.71 -8.64
C VAL A 358 17.19 38.10 -7.82
N HIS A 359 16.03 38.08 -8.45
CA HIS A 359 14.74 38.29 -7.79
C HIS A 359 13.89 37.04 -7.99
N PHE A 360 13.44 36.48 -6.88
CA PHE A 360 12.68 35.24 -6.94
C PHE A 360 11.70 35.12 -5.78
N SER A 361 10.60 34.43 -6.00
CA SER A 361 9.57 34.28 -4.98
C SER A 361 9.11 32.83 -4.95
N TYR A 362 8.39 32.48 -3.88
CA TYR A 362 7.94 31.11 -3.66
C TYR A 362 6.51 30.89 -4.14
N ALA A 363 5.56 31.65 -3.59
CA ALA A 363 4.15 31.47 -3.88
C ALA A 363 3.52 32.71 -4.53
N ASP A 364 4.34 33.56 -5.15
CA ASP A 364 3.90 34.75 -5.88
C ASP A 364 3.19 35.76 -4.99
N GLY A 365 3.25 35.59 -3.67
CA GLY A 365 2.64 36.54 -2.76
C GLY A 365 3.64 37.43 -2.07
N ARG A 366 4.78 36.84 -1.68
CA ARG A 366 5.85 37.57 -1.03
C ARG A 366 7.17 37.27 -1.73
N GLU A 367 8.13 38.17 -1.57
CA GLU A 367 9.45 38.03 -2.17
C GLU A 367 10.41 37.50 -1.09
N THR A 368 10.65 36.19 -1.10
CA THR A 368 11.57 35.59 -0.15
C THR A 368 12.99 36.12 -0.37
N LEU A 369 13.43 36.20 -1.62
CA LEU A 369 14.76 36.66 -1.97
C LEU A 369 14.65 37.78 -2.98
N GLN A 370 15.44 38.84 -2.76
CA GLN A 370 15.40 40.02 -3.63
C GLN A 370 16.65 40.90 -3.63
N ASP A 371 17.27 41.10 -4.79
CA ASP A 371 18.42 42.00 -4.92
C ASP A 371 19.65 41.44 -4.19
N VAL A 372 20.12 40.30 -4.68
CA VAL A 372 21.27 39.60 -4.13
C VAL A 372 22.32 39.45 -5.22
N SER A 373 23.56 39.83 -4.90
CA SER A 373 24.67 39.65 -5.82
C SER A 373 25.96 39.53 -5.03
N PHE A 374 26.87 38.67 -5.50
CA PHE A 374 28.15 38.49 -4.84
C PHE A 374 29.05 37.74 -5.80
N THR A 375 30.25 37.40 -5.36
CA THR A 375 31.16 36.63 -6.20
C THR A 375 32.24 35.96 -5.37
N VAL A 376 32.72 34.80 -5.83
CA VAL A 376 33.78 34.10 -5.11
C VAL A 376 34.96 33.78 -6.00
N MET A 377 36.16 34.13 -5.56
CA MET A 377 37.36 33.85 -6.32
C MET A 377 37.69 32.38 -6.24
N PRO A 378 38.43 31.86 -7.22
CA PRO A 378 38.68 30.42 -7.23
C PRO A 378 39.60 29.92 -6.11
N GLY A 379 39.08 29.71 -4.91
CA GLY A 379 39.90 29.15 -3.84
C GLY A 379 39.60 29.54 -2.41
N GLN A 380 38.47 30.19 -2.15
CA GLN A 380 38.20 30.67 -0.79
C GLN A 380 37.06 29.98 -0.07
N THR A 381 36.50 30.63 0.95
CA THR A 381 35.43 30.02 1.73
C THR A 381 34.43 31.04 2.25
N LEU A 382 33.48 31.44 1.43
CA LEU A 382 32.54 32.47 1.84
C LEU A 382 31.64 31.93 2.95
N ALA A 383 31.16 32.84 3.80
CA ALA A 383 30.28 32.47 4.90
C ALA A 383 29.11 33.43 4.97
N LEU A 384 28.00 32.94 5.53
CA LEU A 384 26.78 33.73 5.69
C LEU A 384 26.30 33.62 7.13
N VAL A 385 25.98 34.77 7.74
CA VAL A 385 25.47 34.83 9.10
C VAL A 385 24.26 35.75 9.12
N GLY A 386 23.26 35.38 9.91
CA GLY A 386 22.07 36.19 10.05
C GLY A 386 21.03 35.55 10.96
N PRO A 387 19.93 36.25 11.19
CA PRO A 387 18.86 35.70 12.01
C PRO A 387 18.12 34.57 11.30
N SER A 388 17.39 33.78 12.09
CA SER A 388 16.64 32.66 11.53
C SER A 388 15.56 33.14 10.61
N GLY A 389 15.29 32.35 9.59
CA GLY A 389 14.22 32.68 8.66
C GLY A 389 14.54 33.81 7.71
N ALA A 390 15.80 34.16 7.53
CA ALA A 390 16.18 35.24 6.62
C ALA A 390 16.35 34.79 5.18
N GLY A 391 16.36 33.49 4.92
CA GLY A 391 16.59 32.96 3.60
C GLY A 391 18.00 32.51 3.31
N LYS A 392 18.69 31.90 4.29
CA LYS A 392 20.05 31.45 4.07
C LYS A 392 20.11 30.24 3.15
N SER A 393 19.24 29.26 3.39
CA SER A 393 19.27 28.02 2.62
C SER A 393 18.70 28.16 1.22
N THR A 394 17.91 29.21 0.97
CA THR A 394 17.32 29.38 -0.34
C THR A 394 18.37 29.64 -1.41
N ILE A 395 19.45 30.34 -1.05
CA ILE A 395 20.53 30.59 -2.01
C ILE A 395 21.18 29.28 -2.43
N LEU A 396 21.45 28.41 -1.46
CA LEU A 396 22.02 27.10 -1.77
C LEU A 396 21.06 26.26 -2.60
N ARG A 397 19.76 26.31 -2.27
CA ARG A 397 18.78 25.57 -3.05
C ARG A 397 18.75 26.05 -4.49
N LEU A 398 18.81 27.37 -4.69
CA LEU A 398 18.73 27.96 -6.02
C LEU A 398 19.99 27.71 -6.83
N LEU A 399 21.12 27.45 -6.18
CA LEU A 399 22.31 27.13 -6.98
C LEU A 399 22.20 25.77 -7.63
N PHE A 400 21.74 24.77 -6.87
CA PHE A 400 21.65 23.41 -7.40
C PHE A 400 20.59 23.34 -8.48
N ARG A 401 19.79 24.38 -8.58
CA ARG A 401 18.74 24.44 -9.60
C ARG A 401 17.56 23.54 -9.35
N PHE A 402 17.18 23.37 -8.10
CA PHE A 402 15.96 22.60 -7.86
C PHE A 402 14.77 23.42 -8.30
N TYR A 403 14.70 24.68 -7.89
CA TYR A 403 13.61 25.55 -8.35
C TYR A 403 14.11 26.42 -9.51
N ASP A 404 13.43 27.52 -9.82
CA ASP A 404 13.87 28.40 -10.91
C ASP A 404 13.73 29.88 -10.57
N ILE A 405 14.44 30.77 -11.28
CA ILE A 405 14.46 32.19 -10.96
C ILE A 405 13.40 32.91 -11.77
N SER A 406 13.12 34.17 -11.40
CA SER A 406 12.21 35.03 -12.15
C SER A 406 12.95 36.08 -12.98
N SER A 407 14.07 36.58 -12.49
CA SER A 407 14.87 37.56 -13.21
C SER A 407 16.33 37.35 -12.85
N GLY A 408 17.20 38.16 -13.45
CA GLY A 408 18.62 38.05 -13.20
C GLY A 408 19.25 36.90 -13.96
N CYS A 409 20.51 36.63 -13.62
CA CYS A 409 21.27 35.57 -14.25
C CYS A 409 22.17 34.89 -13.23
N ILE A 410 22.45 33.62 -13.46
CA ILE A 410 23.34 32.82 -12.62
C ILE A 410 24.45 32.30 -13.53
N ARG A 411 25.70 32.58 -13.16
CA ARG A 411 26.84 32.23 -13.99
C ARG A 411 27.87 31.49 -13.16
N ILE A 412 28.32 30.34 -13.67
CA ILE A 412 29.38 29.55 -13.05
C ILE A 412 30.51 29.41 -14.08
N ASP A 413 31.71 29.79 -13.68
CA ASP A 413 32.92 29.61 -14.49
C ASP A 413 32.82 30.30 -15.86
N GLY A 414 31.89 31.25 -15.98
CA GLY A 414 31.69 31.98 -17.22
C GLY A 414 30.50 31.53 -18.05
N GLN A 415 29.88 30.41 -17.71
CA GLN A 415 28.72 29.90 -18.44
C GLN A 415 27.46 30.04 -17.61
N ASP A 416 26.39 30.50 -18.25
CA ASP A 416 25.09 30.56 -17.59
C ASP A 416 24.55 29.15 -17.39
N ILE A 417 23.88 28.93 -16.24
CA ILE A 417 23.41 27.60 -15.88
C ILE A 417 22.06 27.25 -16.47
N SER A 418 21.33 28.22 -17.04
CA SER A 418 19.97 27.96 -17.48
C SER A 418 19.91 27.12 -18.75
N GLN A 419 21.01 26.99 -19.48
CA GLN A 419 21.03 26.22 -20.72
C GLN A 419 21.79 24.91 -20.62
N VAL A 420 22.78 24.82 -19.73
CA VAL A 420 23.60 23.61 -19.64
C VAL A 420 22.77 22.48 -19.05
N THR A 421 23.07 21.25 -19.50
CA THR A 421 22.35 20.08 -19.04
C THR A 421 22.57 19.86 -17.54
N GLN A 422 21.46 19.63 -16.82
CA GLN A 422 21.55 19.42 -15.38
C GLN A 422 22.28 18.13 -15.04
N ALA A 423 22.21 17.13 -15.91
CA ALA A 423 22.92 15.88 -15.65
C ALA A 423 24.41 16.09 -15.58
N SER A 424 24.96 16.90 -16.49
CA SER A 424 26.37 17.28 -16.43
C SER A 424 26.65 18.31 -15.36
N LEU A 425 25.66 19.15 -15.01
CA LEU A 425 25.88 20.17 -13.99
C LEU A 425 26.04 19.55 -12.61
N ARG A 426 25.22 18.57 -12.27
CA ARG A 426 25.16 18.04 -10.91
C ARG A 426 26.21 16.97 -10.64
N SER A 427 27.13 16.74 -11.57
CA SER A 427 28.23 15.81 -11.37
C SER A 427 29.47 16.47 -10.80
N HIS A 428 29.41 17.78 -10.52
CA HIS A 428 30.57 18.53 -10.05
C HIS A 428 30.37 19.13 -8.67
N ILE A 429 29.22 18.92 -8.03
CA ILE A 429 28.88 19.57 -6.78
C ILE A 429 28.40 18.53 -5.78
N GLY A 430 28.86 18.64 -4.54
CA GLY A 430 28.41 17.76 -3.48
C GLY A 430 28.16 18.52 -2.19
N VAL A 431 26.98 18.30 -1.59
CA VAL A 431 26.54 19.10 -0.45
C VAL A 431 26.02 18.17 0.65
N VAL A 432 26.39 18.46 1.89
CA VAL A 432 25.79 17.78 3.03
C VAL A 432 24.45 18.45 3.35
N PRO A 433 23.37 17.69 3.42
CA PRO A 433 22.04 18.30 3.57
C PRO A 433 21.81 18.85 4.97
N GLN A 434 20.76 19.64 5.16
CA GLN A 434 20.49 20.17 6.49
C GLN A 434 20.02 19.08 7.43
N ASP A 435 19.14 18.20 6.94
CA ASP A 435 18.71 17.08 7.78
C ASP A 435 19.28 15.78 7.21
N THR A 436 19.77 14.92 8.07
CA THR A 436 20.47 13.70 7.67
C THR A 436 19.52 12.51 7.69
N VAL A 437 19.46 11.79 6.58
CA VAL A 437 18.69 10.56 6.46
C VAL A 437 19.60 9.48 5.91
N LEU A 438 19.33 8.24 6.31
CA LEU A 438 20.15 7.10 5.92
C LEU A 438 19.27 5.97 5.39
N PHE A 439 19.82 5.22 4.44
CA PHE A 439 19.12 4.07 3.88
C PHE A 439 19.07 2.95 4.91
N ASN A 440 18.03 2.11 4.79
CA ASN A 440 17.88 0.94 5.66
C ASN A 440 18.80 -0.17 5.15
N ASP A 441 20.09 -0.02 5.47
CA ASP A 441 21.10 -0.94 4.99
C ASP A 441 22.31 -0.81 5.92
N THR A 442 23.33 -1.65 5.65
CA THR A 442 24.50 -1.66 6.49
C THR A 442 25.31 -0.38 6.32
N ILE A 443 26.13 -0.08 7.32
CA ILE A 443 26.85 1.19 7.36
C ILE A 443 27.89 1.27 6.26
N ALA A 444 28.55 0.16 5.93
CA ALA A 444 29.56 0.19 4.87
C ALA A 444 28.94 0.52 3.53
N ASP A 445 27.84 -0.15 3.18
CA ASP A 445 27.16 0.16 1.93
C ASP A 445 26.56 1.56 1.94
N ASN A 446 26.10 2.02 3.10
CA ASN A 446 25.56 3.37 3.20
C ASN A 446 26.64 4.41 2.94
N ILE A 447 27.84 4.21 3.48
CA ILE A 447 28.93 5.17 3.27
C ILE A 447 29.55 5.02 1.90
N ARG A 448 29.38 3.87 1.24
CA ARG A 448 29.89 3.69 -0.12
C ARG A 448 29.04 4.40 -1.17
N TYR A 449 27.91 4.99 -0.78
CA TYR A 449 26.98 5.56 -1.75
C TYR A 449 27.57 6.75 -2.49
N GLY A 450 28.68 7.30 -2.01
CA GLY A 450 29.31 8.42 -2.72
C GLY A 450 29.78 8.04 -4.10
N ARG A 451 30.37 6.85 -4.24
CA ARG A 451 30.79 6.33 -5.53
C ARG A 451 30.73 4.82 -5.50
N VAL A 452 30.08 4.23 -6.50
CA VAL A 452 29.77 2.79 -6.48
C VAL A 452 30.95 1.92 -6.85
N THR A 453 32.03 2.49 -7.39
CA THR A 453 33.20 1.74 -7.80
C THR A 453 34.32 1.80 -6.77
N ALA A 454 34.05 2.32 -5.58
CA ALA A 454 35.08 2.50 -4.57
C ALA A 454 35.50 1.15 -4.00
N GLY A 455 36.61 1.16 -3.27
CA GLY A 455 37.14 -0.04 -2.66
C GLY A 455 37.13 0.04 -1.14
N ASN A 456 37.31 -1.13 -0.50
CA ASN A 456 37.30 -1.16 0.97
C ASN A 456 38.45 -0.35 1.56
N ASP A 457 39.62 -0.41 0.92
CA ASP A 457 40.78 0.31 1.45
C ASP A 457 40.55 1.82 1.43
N GLU A 458 40.03 2.36 0.31
CA GLU A 458 39.80 3.79 0.23
C GLU A 458 38.63 4.22 1.10
N VAL A 459 37.61 3.36 1.24
CA VAL A 459 36.51 3.67 2.14
C VAL A 459 37.02 3.77 3.58
N GLU A 460 37.86 2.81 3.99
CA GLU A 460 38.41 2.83 5.34
C GLU A 460 39.31 4.05 5.54
N ALA A 461 40.10 4.40 4.53
CA ALA A 461 40.97 5.57 4.66
C ALA A 461 40.17 6.85 4.75
N ALA A 462 39.11 6.98 3.95
CA ALA A 462 38.29 8.19 3.96
C ALA A 462 37.42 8.32 5.19
N ALA A 463 37.02 7.21 5.81
CA ALA A 463 36.27 7.31 7.05
C ALA A 463 37.11 7.86 8.20
N GLN A 464 38.43 7.89 8.06
CA GLN A 464 39.29 8.42 9.11
C GLN A 464 39.27 9.94 9.14
N ALA A 465 39.00 10.58 8.00
CA ALA A 465 39.02 12.05 7.94
C ALA A 465 37.96 12.67 8.82
N ALA A 466 36.80 12.03 8.94
CA ALA A 466 35.72 12.55 9.78
C ALA A 466 35.86 12.16 11.24
N GLY A 467 36.83 11.33 11.59
CA GLY A 467 37.02 10.90 12.96
C GLY A 467 36.14 9.78 13.43
N ILE A 468 35.48 9.05 12.51
CA ILE A 468 34.57 7.98 12.90
C ILE A 468 35.23 6.61 12.89
N HIS A 469 36.42 6.47 12.32
CA HIS A 469 37.08 5.17 12.26
C HIS A 469 37.39 4.64 13.65
N ASP A 470 37.88 5.50 14.54
CA ASP A 470 38.20 5.07 15.89
C ASP A 470 36.95 4.74 16.69
N ALA A 471 35.77 5.11 16.22
CA ALA A 471 34.54 4.86 16.95
C ALA A 471 33.79 3.63 16.45
N ILE A 472 33.75 3.41 15.13
CA ILE A 472 32.98 2.28 14.62
C ILE A 472 33.61 0.94 15.02
N MET A 473 34.94 0.86 15.04
CA MET A 473 35.59 -0.42 15.29
C MET A 473 35.24 -0.98 16.67
N ALA A 474 34.91 -0.12 17.62
CA ALA A 474 34.51 -0.60 18.94
C ALA A 474 33.14 -1.28 18.91
N PHE A 475 32.33 -1.01 17.91
CA PHE A 475 31.01 -1.64 17.83
C PHE A 475 31.17 -3.14 17.56
N PRO A 476 30.31 -3.97 18.14
CA PRO A 476 30.30 -5.38 17.77
C PRO A 476 29.91 -5.55 16.30
N GLU A 477 30.53 -6.54 15.66
CA GLU A 477 30.50 -6.80 14.21
C GLU A 477 31.14 -5.69 13.38
N GLY A 478 31.65 -4.63 14.00
CA GLY A 478 32.39 -3.61 13.27
C GLY A 478 31.64 -2.90 12.17
N TYR A 479 32.00 -3.11 10.91
CA TYR A 479 31.36 -2.37 9.82
C TYR A 479 30.20 -3.09 9.15
N ARG A 480 29.73 -4.19 9.71
CA ARG A 480 28.56 -4.86 9.18
C ARG A 480 27.36 -4.78 10.14
N THR A 481 27.29 -3.73 10.93
CA THR A 481 26.13 -3.50 11.78
C THR A 481 25.01 -2.82 11.00
N GLN A 482 23.81 -2.89 11.55
CA GLN A 482 22.64 -2.26 10.96
C GLN A 482 22.46 -0.85 11.51
N VAL A 483 21.68 -0.05 10.78
CA VAL A 483 21.41 1.33 11.17
C VAL A 483 19.91 1.53 11.29
N GLY A 484 19.15 0.45 11.18
CA GLY A 484 17.71 0.58 11.24
C GLY A 484 17.16 1.28 10.01
N GLU A 485 15.95 1.79 10.21
CA GLU A 485 15.30 2.53 9.15
C GLU A 485 15.49 4.00 9.35
N ARG A 486 15.78 4.69 8.28
CA ARG A 486 15.97 6.13 8.28
C ARG A 486 17.15 6.55 9.16
N GLY A 487 17.80 5.61 9.84
CA GLY A 487 18.94 5.93 10.67
C GLY A 487 18.65 6.30 12.10
N LEU A 488 17.41 6.18 12.56
CA LEU A 488 17.10 6.48 13.95
C LEU A 488 17.78 5.54 14.92
N LYS A 489 18.24 4.39 14.45
CA LYS A 489 18.81 3.40 15.36
C LYS A 489 20.21 3.78 15.82
N LEU A 490 20.93 4.61 15.06
CA LEU A 490 22.37 4.73 15.29
C LEU A 490 22.69 5.61 16.50
N SER A 491 22.44 6.90 16.40
CA SER A 491 22.85 7.86 17.43
C SER A 491 22.31 9.24 17.05
N GLY A 492 22.77 10.26 17.76
CA GLY A 492 22.36 11.62 17.48
C GLY A 492 23.28 12.43 16.58
N GLY A 493 24.57 12.10 16.57
CA GLY A 493 25.52 12.86 15.77
C GLY A 493 26.33 12.03 14.80
N GLU A 494 26.41 10.73 15.06
CA GLU A 494 27.13 9.84 14.15
C GLU A 494 26.48 9.80 12.78
N LYS A 495 25.19 10.08 12.68
CA LYS A 495 24.57 10.23 11.37
C LYS A 495 25.21 11.39 10.62
N GLN A 496 25.43 12.52 11.29
CA GLN A 496 26.07 13.65 10.64
C GLN A 496 27.51 13.33 10.26
N ARG A 497 28.23 12.60 11.12
CA ARG A 497 29.58 12.21 10.77
C ARG A 497 29.60 11.29 9.55
N VAL A 498 28.65 10.36 9.46
CA VAL A 498 28.56 9.48 8.30
C VAL A 498 28.25 10.28 7.04
N ALA A 499 27.36 11.26 7.14
CA ALA A 499 27.03 12.09 5.98
C ALA A 499 28.25 12.87 5.50
N ILE A 500 29.00 13.46 6.43
CA ILE A 500 30.17 14.22 6.01
C ILE A 500 31.24 13.30 5.44
N ALA A 501 31.33 12.06 5.95
CA ALA A 501 32.25 11.09 5.36
C ALA A 501 31.82 10.73 3.93
N ARG A 502 30.53 10.60 3.69
CA ARG A 502 30.04 10.34 2.34
C ARG A 502 30.44 11.48 1.41
N THR A 503 30.25 12.72 1.86
CA THR A 503 30.61 13.86 1.02
C THR A 503 32.10 13.89 0.73
N ILE A 504 32.93 13.60 1.74
CA ILE A 504 34.37 13.58 1.54
C ILE A 504 34.75 12.50 0.54
N LEU A 505 34.14 11.33 0.64
CA LEU A 505 34.41 10.25 -0.32
C LEU A 505 34.03 10.68 -1.73
N LYS A 506 32.89 11.38 -1.87
CA LYS A 506 32.51 11.88 -3.19
C LYS A 506 33.55 12.84 -3.73
N ALA A 507 34.03 13.76 -2.89
CA ALA A 507 35.09 14.71 -3.24
C ALA A 507 34.73 15.48 -4.50
N PRO A 508 33.77 16.39 -4.44
CA PRO A 508 33.35 17.13 -5.64
C PRO A 508 34.26 18.32 -5.89
N GLY A 509 33.99 19.02 -7.00
CA GLY A 509 34.73 20.24 -7.29
C GLY A 509 34.42 21.36 -6.33
N ILE A 510 33.16 21.50 -5.93
CA ILE A 510 32.71 22.56 -5.05
C ILE A 510 32.03 21.92 -3.84
N ILE A 511 32.37 22.37 -2.65
CA ILE A 511 31.84 21.82 -1.41
C ILE A 511 30.99 22.88 -0.72
N LEU A 512 29.84 22.46 -0.19
CA LEU A 512 28.94 23.35 0.51
C LEU A 512 28.44 22.68 1.78
N LEU A 513 28.41 23.38 2.92
CA LEU A 513 28.00 22.82 4.19
C LEU A 513 26.88 23.69 4.75
N ASP A 514 25.72 23.08 4.98
CA ASP A 514 24.61 23.84 5.57
C ASP A 514 24.78 23.95 7.09
N GLU A 515 24.76 22.81 7.78
CA GLU A 515 25.05 22.76 9.20
C GLU A 515 25.78 21.46 9.50
N ALA A 516 26.97 21.55 10.07
CA ALA A 516 27.79 20.38 10.31
C ALA A 516 28.08 20.14 11.78
N THR A 517 28.11 21.18 12.60
CA THR A 517 28.44 21.08 14.02
C THR A 517 27.21 21.27 14.90
N SER A 518 26.05 20.84 14.41
CA SER A 518 24.82 21.01 15.18
C SER A 518 24.76 20.06 16.35
N ALA A 519 25.14 18.80 16.15
CA ALA A 519 24.99 17.77 17.17
C ALA A 519 26.30 17.31 17.78
N LEU A 520 27.41 17.98 17.49
CA LEU A 520 28.70 17.58 18.00
C LEU A 520 29.06 18.37 19.25
N ASP A 521 29.78 17.71 20.16
CA ASP A 521 30.31 18.39 21.33
C ASP A 521 31.45 19.32 20.92
N THR A 522 31.71 20.32 21.78
CA THR A 522 32.68 21.35 21.46
C THR A 522 34.10 20.82 21.36
N SER A 523 34.36 19.62 21.88
CA SER A 523 35.70 19.04 21.82
C SER A 523 36.00 18.35 20.49
N ASN A 524 35.00 18.15 19.64
CA ASN A 524 35.20 17.47 18.36
C ASN A 524 35.09 18.39 17.15
N GLU A 525 34.52 19.58 17.31
CA GLU A 525 34.35 20.47 16.16
C GLU A 525 35.69 20.94 15.62
N ARG A 526 36.59 21.30 16.52
CA ARG A 526 37.87 21.82 16.10
C ARG A 526 38.57 20.84 15.21
N ALA A 527 38.84 19.65 15.74
CA ALA A 527 39.57 18.66 14.97
C ALA A 527 38.94 18.47 13.60
N ILE A 528 37.62 18.49 13.53
CA ILE A 528 36.93 18.30 12.26
C ILE A 528 37.22 19.44 11.30
N GLN A 529 37.17 20.70 11.77
CA GLN A 529 37.37 21.78 10.82
C GLN A 529 38.84 21.86 10.42
N ALA A 530 39.74 21.52 11.33
CA ALA A 530 41.16 21.47 10.99
C ALA A 530 41.42 20.40 9.92
N SER A 531 40.79 19.23 10.05
CA SER A 531 40.92 18.21 9.01
C SER A 531 40.31 18.68 7.69
N LEU A 532 39.17 19.36 7.75
CA LEU A 532 38.52 19.85 6.55
C LEU A 532 39.30 20.97 5.86
N ALA A 533 40.15 21.69 6.61
CA ALA A 533 40.96 22.73 6.00
C ALA A 533 42.00 22.15 5.06
N LYS A 534 42.38 20.89 5.26
CA LYS A 534 43.40 20.27 4.41
C LYS A 534 42.86 19.89 3.04
N VAL A 535 41.58 19.54 2.94
CA VAL A 535 41.02 19.07 1.68
C VAL A 535 40.48 20.22 0.81
N CYS A 536 40.37 21.43 1.35
CA CYS A 536 39.87 22.57 0.60
C CYS A 536 40.98 23.39 -0.03
N ALA A 537 42.10 22.75 -0.39
CA ALA A 537 43.24 23.49 -0.93
C ALA A 537 42.89 24.16 -2.26
N ASN A 538 42.16 23.47 -3.12
CA ASN A 538 41.83 23.99 -4.45
C ASN A 538 40.35 23.78 -4.74
N ARG A 539 39.50 24.02 -3.75
CA ARG A 539 38.06 23.86 -3.93
C ARG A 539 37.32 25.02 -3.28
N THR A 540 36.40 25.62 -4.02
CA THR A 540 35.58 26.70 -3.49
C THR A 540 34.58 26.14 -2.49
N THR A 541 34.44 26.82 -1.36
CA THR A 541 33.60 26.34 -0.26
C THR A 541 32.66 27.45 0.19
N ILE A 542 31.41 27.09 0.47
CA ILE A 542 30.42 27.98 1.07
C ILE A 542 29.95 27.33 2.36
N VAL A 543 30.02 28.06 3.47
CA VAL A 543 29.74 27.52 4.79
C VAL A 543 28.74 28.41 5.50
N VAL A 544 27.75 27.79 6.13
CA VAL A 544 26.76 28.48 6.95
C VAL A 544 26.92 27.99 8.39
N ALA A 545 26.99 28.94 9.32
CA ALA A 545 27.21 28.58 10.73
C ALA A 545 26.54 29.60 11.62
N HIS A 546 25.63 29.14 12.48
CA HIS A 546 25.02 30.03 13.46
C HIS A 546 26.04 30.48 14.50
N ARG A 547 26.87 29.55 14.99
CA ARG A 547 27.92 29.91 15.92
C ARG A 547 29.07 30.56 15.17
N LEU A 548 29.55 31.69 15.68
CA LEU A 548 30.52 32.52 14.97
C LEU A 548 31.96 32.15 15.27
N SER A 549 32.21 31.13 16.11
CA SER A 549 33.57 30.74 16.43
C SER A 549 34.27 30.02 15.29
N THR A 550 33.52 29.54 14.30
CA THR A 550 34.09 28.84 13.16
C THR A 550 34.19 29.70 11.91
N VAL A 551 33.95 31.01 12.03
CA VAL A 551 33.89 31.90 10.87
C VAL A 551 34.97 32.96 11.02
N VAL A 552 35.75 32.87 12.10
CA VAL A 552 36.72 33.91 12.41
C VAL A 552 37.82 33.98 11.35
N ASN A 553 38.05 32.90 10.62
CA ASN A 553 39.05 32.87 9.56
C ASN A 553 38.44 32.88 8.16
N ALA A 554 37.17 33.27 8.03
CA ALA A 554 36.51 33.25 6.74
C ALA A 554 37.11 34.29 5.80
N ASP A 555 37.17 33.95 4.51
CA ASP A 555 37.68 34.88 3.52
C ASP A 555 36.75 36.06 3.31
N GLN A 556 35.44 35.84 3.44
CA GLN A 556 34.46 36.90 3.26
C GLN A 556 33.21 36.55 4.06
N ILE A 557 32.62 37.57 4.68
CA ILE A 557 31.46 37.39 5.54
C ILE A 557 30.33 38.28 5.03
N LEU A 558 29.13 37.71 4.97
CA LEU A 558 27.93 38.43 4.59
C LEU A 558 26.90 38.35 5.71
N VAL A 559 26.04 39.35 5.78
CA VAL A 559 24.94 39.37 6.74
C VAL A 559 23.63 39.47 5.95
N ILE A 560 22.74 38.51 6.17
CA ILE A 560 21.44 38.46 5.52
C ILE A 560 20.38 38.73 6.59
N LYS A 561 19.58 39.77 6.39
CA LYS A 561 18.61 40.19 7.38
C LYS A 561 17.20 39.68 7.06
N ASP A 562 16.64 40.10 5.94
CA ASP A 562 15.35 39.60 5.49
C ASP A 562 15.49 39.41 3.97
N GLY A 563 16.58 38.75 3.58
CA GLY A 563 16.87 38.56 2.18
C GLY A 563 17.53 39.73 1.49
N CYS A 564 17.82 40.80 2.22
CA CYS A 564 18.52 41.97 1.69
C CYS A 564 19.86 42.11 2.38
N ILE A 565 20.92 42.26 1.60
CA ILE A 565 22.27 42.31 2.15
C ILE A 565 22.44 43.59 2.95
N VAL A 566 22.91 43.46 4.18
CA VAL A 566 23.10 44.62 5.05
C VAL A 566 24.54 45.11 5.06
N GLU A 567 25.52 44.25 5.23
CA GLU A 567 26.92 44.66 5.27
C GLU A 567 27.79 43.47 4.92
N ARG A 568 29.05 43.75 4.59
CA ARG A 568 29.98 42.72 4.15
C ARG A 568 31.40 43.17 4.49
N GLY A 569 32.32 42.22 4.48
CA GLY A 569 33.72 42.50 4.74
C GLY A 569 34.34 41.38 5.54
N ARG A 570 35.48 41.63 6.17
CA ARG A 570 36.03 40.57 7.00
C ARG A 570 35.59 40.66 8.44
N HIS A 571 36.34 40.04 9.33
CA HIS A 571 35.95 39.98 10.74
C HIS A 571 36.35 41.24 11.49
N GLU A 572 37.65 41.56 11.47
CA GLU A 572 38.12 42.74 12.21
C GLU A 572 37.64 44.03 11.55
N ALA A 573 37.49 44.04 10.23
CA ALA A 573 36.94 45.20 9.54
C ALA A 573 35.48 45.44 9.88
N LEU A 574 34.75 44.41 10.32
CA LEU A 574 33.37 44.56 10.77
C LEU A 574 33.27 44.83 12.26
N LEU A 575 34.22 44.36 13.07
CA LEU A 575 34.20 44.65 14.49
C LEU A 575 34.39 46.14 14.76
N SER A 576 35.29 46.79 14.01
CA SER A 576 35.56 48.20 14.22
C SER A 576 34.40 49.09 13.80
N ARG A 577 33.55 48.62 12.89
CA ARG A 577 32.44 49.44 12.43
C ARG A 577 31.41 49.66 13.54
N GLY A 578 31.28 48.72 14.48
CA GLY A 578 30.30 48.85 15.54
C GLY A 578 28.87 48.64 15.09
N GLY A 579 28.66 47.81 14.08
CA GLY A 579 27.33 47.58 13.54
C GLY A 579 26.64 46.39 14.16
N VAL A 580 25.68 45.84 13.41
CA VAL A 580 24.89 44.72 13.91
C VAL A 580 25.75 43.47 14.08
N TYR A 581 26.73 43.25 13.20
CA TYR A 581 27.63 42.12 13.36
C TYR A 581 28.44 42.26 14.65
N ALA A 582 28.95 43.46 14.92
CA ALA A 582 29.69 43.68 16.15
C ALA A 582 28.80 43.48 17.37
N ASP A 583 27.55 43.95 17.29
CA ASP A 583 26.61 43.76 18.40
C ASP A 583 26.36 42.28 18.65
N MET A 584 26.15 41.50 17.58
CA MET A 584 25.92 40.07 17.74
C MET A 584 27.15 39.37 18.31
N TRP A 585 28.34 39.74 17.83
CA TRP A 585 29.56 39.13 18.35
C TRP A 585 29.77 39.43 19.83
N GLN A 586 29.53 40.68 20.23
CA GLN A 586 29.64 41.00 21.63
C GLN A 586 28.64 40.19 22.42
N LEU A 587 27.39 40.22 21.99
CA LEU A 587 26.34 39.53 22.74
C LEU A 587 26.69 38.06 22.91
N GLN A 588 27.23 37.43 21.86
CA GLN A 588 27.62 36.04 21.96
C GLN A 588 28.78 35.85 22.93
N GLN A 589 29.77 36.74 22.89
CA GLN A 589 30.96 36.58 23.71
C GLN A 589 30.72 36.91 25.17
N GLY A 590 29.81 37.85 25.47
CA GLY A 590 29.51 38.20 26.85
C GLY A 590 30.56 39.11 27.49
N THR B 1 2.55 -29.36 7.90
CA THR B 1 1.87 -30.64 7.86
C THR B 1 0.43 -30.49 7.35
N TRP B 2 -0.38 -31.53 7.49
CA TRP B 2 -1.74 -31.50 6.96
C TRP B 2 -2.77 -31.34 8.06
N ARG B 3 -2.35 -30.79 9.19
CA ARG B 3 -3.27 -30.60 10.31
C ARG B 3 -3.42 -29.12 10.63
N ASP B 4 -2.36 -28.36 10.39
CA ASP B 4 -2.45 -26.93 10.62
C ASP B 4 -3.54 -26.33 9.76
N PHE B 5 -3.77 -26.93 8.60
CA PHE B 5 -4.81 -26.43 7.73
C PHE B 5 -6.10 -26.39 8.51
N GLY B 6 -6.37 -27.46 9.23
CA GLY B 6 -7.61 -27.53 9.98
C GLY B 6 -7.71 -26.41 10.98
N ARG B 7 -6.65 -26.22 11.76
CA ARG B 7 -6.69 -25.18 12.76
C ARG B 7 -7.05 -23.88 12.07
N LYS B 8 -6.45 -23.62 10.92
CA LYS B 8 -6.69 -22.34 10.25
C LYS B 8 -8.15 -22.16 9.87
N LEU B 9 -8.74 -23.16 9.22
CA LEU B 9 -10.11 -23.02 8.79
C LEU B 9 -11.01 -22.74 9.97
N ARG B 10 -10.72 -23.37 11.10
CA ARG B 10 -11.59 -23.19 12.25
C ARG B 10 -11.66 -21.72 12.56
N LEU B 11 -10.50 -21.07 12.55
CA LEU B 11 -10.48 -19.66 12.93
C LEU B 11 -11.31 -18.82 11.97
N LEU B 12 -11.19 -19.05 10.67
CA LEU B 12 -11.94 -18.27 9.69
C LEU B 12 -13.43 -18.41 9.92
N SER B 13 -13.87 -19.59 10.33
CA SER B 13 -15.29 -19.84 10.53
C SER B 13 -15.86 -18.99 11.65
N GLY B 14 -15.04 -18.73 12.66
CA GLY B 14 -15.54 -17.97 13.79
C GLY B 14 -16.14 -16.62 13.47
N TYR B 15 -15.82 -16.05 12.32
CA TYR B 15 -16.29 -14.70 12.03
C TYR B 15 -17.65 -14.64 11.32
N LEU B 16 -18.35 -15.76 11.14
CA LEU B 16 -19.60 -15.71 10.38
C LEU B 16 -20.76 -15.22 11.20
N TRP B 17 -21.12 -15.92 12.25
CA TRP B 17 -22.28 -15.55 13.06
C TRP B 17 -22.08 -14.25 13.81
N PRO B 18 -22.90 -13.24 13.51
CA PRO B 18 -22.77 -11.95 14.19
C PRO B 18 -22.97 -12.20 15.65
N ARG B 19 -22.28 -11.47 16.51
CA ARG B 19 -22.39 -11.72 17.94
C ARG B 19 -22.73 -10.45 18.68
N GLY B 20 -24.01 -10.19 18.90
CA GLY B 20 -24.40 -9.03 19.66
C GLY B 20 -25.74 -8.42 19.32
N SER B 21 -26.09 -8.38 18.04
CA SER B 21 -27.33 -7.74 17.66
C SER B 21 -28.36 -8.77 17.26
N PRO B 22 -29.53 -8.72 17.89
CA PRO B 22 -30.51 -9.76 17.61
C PRO B 22 -31.03 -9.71 16.19
N ALA B 23 -31.43 -8.54 15.72
CA ALA B 23 -32.04 -8.47 14.40
C ALA B 23 -31.17 -9.20 13.41
N LEU B 24 -29.91 -8.83 13.36
CA LEU B 24 -29.01 -9.44 12.41
C LEU B 24 -29.03 -10.94 12.64
N GLN B 25 -29.12 -11.34 13.90
CA GLN B 25 -29.07 -12.77 14.21
C GLN B 25 -30.27 -13.47 13.64
N LEU B 26 -31.13 -12.75 12.94
CA LEU B 26 -32.25 -13.41 12.28
C LEU B 26 -31.98 -13.49 10.79
N VAL B 27 -31.51 -12.42 10.19
CA VAL B 27 -31.31 -12.43 8.77
C VAL B 27 -30.45 -13.63 8.44
N VAL B 28 -29.59 -14.02 9.36
CA VAL B 28 -28.68 -15.11 9.05
C VAL B 28 -29.39 -16.43 9.05
N LEU B 29 -30.70 -16.43 9.27
CA LEU B 29 -31.43 -17.67 9.18
C LEU B 29 -32.20 -17.72 7.89
N ILE B 30 -33.03 -16.72 7.65
CA ILE B 30 -33.78 -16.67 6.40
C ILE B 30 -32.86 -16.92 5.22
N CYS B 31 -31.71 -16.26 5.18
CA CYS B 31 -30.79 -16.45 4.09
C CYS B 31 -30.59 -17.92 3.90
N LEU B 32 -30.41 -18.66 4.99
CA LEU B 32 -30.14 -20.07 4.87
C LEU B 32 -31.29 -20.79 4.21
N GLY B 33 -32.51 -20.38 4.52
CA GLY B 33 -33.67 -21.02 3.94
C GLY B 33 -33.73 -20.93 2.43
N LEU B 34 -33.50 -19.74 1.89
CA LEU B 34 -33.58 -19.58 0.46
C LEU B 34 -32.59 -20.54 -0.14
N MET B 35 -31.48 -20.72 0.53
CA MET B 35 -30.48 -21.65 0.05
C MET B 35 -31.10 -23.02 -0.05
N GLY B 36 -31.96 -23.34 0.90
CA GLY B 36 -32.62 -24.64 0.89
C GLY B 36 -33.53 -24.83 -0.29
N LEU B 37 -34.43 -23.89 -0.54
CA LEU B 37 -35.39 -24.08 -1.61
C LEU B 37 -34.71 -24.27 -2.94
N GLU B 38 -33.64 -23.52 -3.21
CA GLU B 38 -33.02 -23.63 -4.53
C GLU B 38 -32.55 -25.04 -4.79
N ARG B 39 -32.04 -25.72 -3.76
CA ARG B 39 -31.48 -27.06 -4.00
C ARG B 39 -32.58 -27.97 -4.56
N ALA B 40 -33.78 -27.83 -4.04
CA ALA B 40 -34.89 -28.65 -4.53
C ALA B 40 -35.17 -28.35 -5.98
N LEU B 41 -35.32 -27.08 -6.33
CA LEU B 41 -35.68 -26.76 -7.69
C LEU B 41 -34.74 -27.46 -8.63
N ASN B 42 -33.51 -27.67 -8.21
CA ASN B 42 -32.54 -28.26 -9.11
C ASN B 42 -32.94 -29.65 -9.56
N VAL B 43 -33.76 -30.35 -8.78
CA VAL B 43 -34.12 -31.73 -9.12
C VAL B 43 -35.54 -31.84 -9.61
N LEU B 44 -36.21 -30.71 -9.79
CA LEU B 44 -37.59 -30.73 -10.22
C LEU B 44 -37.74 -30.17 -11.63
N VAL B 45 -36.77 -29.39 -12.09
CA VAL B 45 -36.83 -28.92 -13.46
C VAL B 45 -36.59 -30.05 -14.42
N PRO B 46 -35.50 -30.81 -14.22
CA PRO B 46 -35.31 -31.84 -15.24
C PRO B 46 -36.54 -32.71 -15.40
N ILE B 47 -37.21 -33.09 -14.32
CA ILE B 47 -38.35 -34.00 -14.42
C ILE B 47 -39.44 -33.46 -15.33
N PHE B 48 -39.83 -32.20 -15.16
CA PHE B 48 -40.91 -31.67 -15.95
C PHE B 48 -40.59 -31.74 -17.44
N TYR B 49 -39.32 -31.63 -17.82
CA TYR B 49 -38.99 -31.64 -19.22
C TYR B 49 -39.45 -32.94 -19.80
N ARG B 50 -39.26 -34.02 -19.07
CA ARG B 50 -39.65 -35.32 -19.60
C ARG B 50 -41.11 -35.31 -19.98
N ASN B 51 -41.94 -34.72 -19.14
CA ASN B 51 -43.38 -34.77 -19.42
C ASN B 51 -43.71 -34.11 -20.74
N ILE B 52 -43.19 -32.92 -21.00
CA ILE B 52 -43.57 -32.21 -22.22
C ILE B 52 -43.02 -32.87 -23.46
N VAL B 53 -42.28 -33.95 -23.32
CA VAL B 53 -41.82 -34.67 -24.50
C VAL B 53 -42.61 -35.94 -24.62
N ASN B 54 -43.01 -36.50 -23.49
CA ASN B 54 -43.79 -37.72 -23.50
C ASN B 54 -45.14 -37.43 -24.14
N LEU B 55 -45.80 -36.38 -23.68
CA LEU B 55 -47.13 -36.06 -24.20
C LEU B 55 -47.06 -35.81 -25.68
N LEU B 56 -46.04 -35.10 -26.12
CA LEU B 56 -45.96 -34.76 -27.53
C LEU B 56 -45.88 -36.01 -28.36
N THR B 57 -45.22 -37.04 -27.85
CA THR B 57 -45.06 -38.27 -28.61
C THR B 57 -46.39 -38.96 -28.85
N GLU B 58 -47.24 -38.99 -27.85
CA GLU B 58 -48.52 -39.70 -27.97
C GLU B 58 -49.65 -38.83 -28.54
N LYS B 59 -49.42 -37.53 -28.65
CA LYS B 59 -50.42 -36.60 -29.20
C LYS B 59 -51.46 -36.16 -28.16
N ALA B 60 -51.90 -34.91 -28.23
CA ALA B 60 -52.87 -34.40 -27.27
C ALA B 60 -53.40 -33.03 -27.70
N PRO B 61 -54.46 -32.53 -27.03
CA PRO B 61 -55.06 -31.25 -27.42
C PRO B 61 -54.17 -30.05 -27.19
N TRP B 62 -54.32 -29.02 -28.02
CA TRP B 62 -53.50 -27.82 -27.87
C TRP B 62 -53.71 -27.22 -26.51
N ASN B 63 -54.83 -27.54 -25.88
CA ASN B 63 -55.12 -26.98 -24.57
C ASN B 63 -54.23 -27.59 -23.51
N SER B 64 -54.38 -28.88 -23.28
CA SER B 64 -53.62 -29.52 -22.21
C SER B 64 -52.13 -29.26 -22.32
N LEU B 65 -51.58 -29.47 -23.51
CA LEU B 65 -50.15 -29.30 -23.69
C LEU B 65 -49.78 -27.91 -23.27
N ALA B 66 -50.62 -26.94 -23.59
CA ALA B 66 -50.28 -25.56 -23.28
C ALA B 66 -50.00 -25.34 -21.82
N TRP B 67 -50.90 -25.75 -20.96
CA TRP B 67 -50.68 -25.45 -19.55
C TRP B 67 -49.38 -26.07 -19.10
N THR B 68 -49.09 -27.28 -19.55
CA THR B 68 -47.88 -27.93 -19.08
C THR B 68 -46.65 -27.12 -19.44
N VAL B 69 -46.55 -26.69 -20.70
CA VAL B 69 -45.36 -25.98 -21.13
C VAL B 69 -45.15 -24.78 -20.23
N THR B 70 -46.21 -24.06 -19.90
CA THR B 70 -46.03 -22.86 -19.10
C THR B 70 -45.32 -23.22 -17.84
N SER B 71 -45.67 -24.34 -17.25
CA SER B 71 -45.06 -24.68 -15.99
C SER B 71 -43.54 -24.74 -16.12
N TYR B 72 -43.06 -25.43 -17.15
CA TYR B 72 -41.61 -25.56 -17.28
C TYR B 72 -40.98 -24.21 -17.39
N VAL B 73 -41.51 -23.35 -18.25
CA VAL B 73 -40.86 -22.06 -18.45
C VAL B 73 -40.82 -21.28 -17.16
N PHE B 74 -41.85 -21.36 -16.35
CA PHE B 74 -41.83 -20.67 -15.07
C PHE B 74 -40.67 -21.12 -14.19
N LEU B 75 -40.58 -22.41 -13.89
CA LEU B 75 -39.55 -22.87 -12.97
C LEU B 75 -38.14 -22.50 -13.43
N LYS B 76 -37.90 -22.46 -14.73
CA LYS B 76 -36.59 -22.04 -15.19
C LYS B 76 -36.28 -20.62 -14.72
N PHE B 77 -37.28 -19.75 -14.77
CA PHE B 77 -37.08 -18.37 -14.36
C PHE B 77 -36.64 -18.30 -12.93
N LEU B 78 -37.27 -19.07 -12.04
CA LEU B 78 -36.95 -18.95 -10.63
C LEU B 78 -35.59 -19.54 -10.29
N GLN B 79 -34.98 -20.26 -11.22
CA GLN B 79 -33.66 -20.84 -10.98
C GLN B 79 -32.92 -20.90 -12.28
N GLY B 80 -32.31 -19.79 -12.67
CA GLY B 80 -31.64 -19.78 -13.95
C GLY B 80 -30.15 -19.74 -13.83
N GLY B 81 -29.48 -20.69 -14.45
CA GLY B 81 -28.04 -20.67 -14.44
C GLY B 81 -27.40 -21.57 -13.40
N GLY B 82 -28.16 -22.45 -12.80
CA GLY B 82 -27.59 -23.41 -11.85
C GLY B 82 -26.97 -22.78 -10.63
N THR B 83 -26.04 -23.48 -10.02
CA THR B 83 -25.40 -22.96 -8.83
C THR B 83 -24.30 -22.03 -9.21
N GLY B 84 -24.22 -20.88 -8.55
CA GLY B 84 -23.17 -19.93 -8.83
C GLY B 84 -23.47 -18.98 -9.97
N SER B 85 -24.69 -18.45 -10.02
CA SER B 85 -25.04 -17.49 -11.04
C SER B 85 -26.14 -16.56 -10.54
N THR B 86 -27.12 -16.28 -11.38
CA THR B 86 -28.19 -15.40 -10.98
C THR B 86 -29.52 -16.14 -10.91
N GLY B 87 -30.62 -15.42 -11.03
CA GLY B 87 -31.93 -16.03 -10.93
C GLY B 87 -32.90 -15.10 -10.25
N PHE B 88 -33.85 -15.62 -9.51
CA PHE B 88 -34.75 -14.75 -8.77
C PHE B 88 -34.83 -15.21 -7.35
N VAL B 89 -34.40 -16.43 -7.06
CA VAL B 89 -34.36 -16.83 -5.68
C VAL B 89 -33.01 -16.42 -5.18
N SER B 90 -31.99 -16.70 -5.97
CA SER B 90 -30.65 -16.39 -5.53
C SER B 90 -30.43 -14.93 -5.30
N ASN B 91 -30.63 -14.11 -6.32
CA ASN B 91 -30.31 -12.70 -6.15
C ASN B 91 -31.17 -12.03 -5.12
N LEU B 92 -32.23 -12.68 -4.64
CA LEU B 92 -33.01 -12.07 -3.59
C LEU B 92 -32.28 -12.23 -2.27
N ARG B 93 -31.19 -12.98 -2.24
CA ARG B 93 -30.41 -13.06 -1.01
C ARG B 93 -29.25 -12.09 -1.04
N THR B 94 -28.67 -11.86 -2.21
CA THR B 94 -27.56 -10.95 -2.32
C THR B 94 -28.02 -9.55 -2.01
N PHE B 95 -29.30 -9.38 -1.73
CA PHE B 95 -29.81 -8.07 -1.34
C PHE B 95 -30.20 -8.06 0.11
N LEU B 96 -29.95 -9.14 0.83
CA LEU B 96 -30.23 -9.15 2.25
C LEU B 96 -29.02 -9.58 3.00
N TRP B 97 -27.86 -9.51 2.37
CA TRP B 97 -26.64 -9.87 3.04
C TRP B 97 -25.75 -8.66 3.12
N ILE B 98 -25.95 -7.71 2.21
CA ILE B 98 -25.07 -6.56 2.19
C ILE B 98 -24.95 -6.00 3.57
N ARG B 99 -25.95 -6.20 4.40
CA ARG B 99 -25.89 -5.61 5.73
C ARG B 99 -24.96 -6.41 6.64
N VAL B 100 -25.02 -7.72 6.60
CA VAL B 100 -24.20 -8.51 7.52
C VAL B 100 -22.72 -8.38 7.18
N GLN B 101 -22.41 -8.28 5.89
CA GLN B 101 -21.02 -8.16 5.48
C GLN B 101 -20.43 -6.88 6.02
N GLN B 102 -21.24 -5.86 6.22
CA GLN B 102 -20.72 -4.59 6.70
C GLN B 102 -20.59 -4.58 8.21
N PHE B 103 -20.93 -5.68 8.87
CA PHE B 103 -20.73 -5.76 10.31
C PHE B 103 -19.48 -6.53 10.61
N THR B 104 -19.11 -7.44 9.72
CA THR B 104 -17.86 -8.16 9.90
C THR B 104 -16.69 -7.32 9.44
N SER B 105 -16.82 -6.61 8.33
CA SER B 105 -15.67 -5.87 7.83
C SER B 105 -15.21 -4.85 8.85
N ARG B 106 -16.11 -4.04 9.34
CA ARG B 106 -15.71 -3.01 10.28
C ARG B 106 -14.99 -3.61 11.46
N ARG B 107 -15.56 -4.62 12.08
CA ARG B 107 -14.95 -5.15 13.28
C ARG B 107 -13.49 -5.53 13.02
N VAL B 108 -13.22 -6.25 11.94
CA VAL B 108 -11.86 -6.70 11.71
C VAL B 108 -10.93 -5.52 11.50
N GLU B 109 -11.39 -4.48 10.85
CA GLU B 109 -10.50 -3.36 10.57
C GLU B 109 -10.09 -2.66 11.84
N LEU B 110 -11.05 -2.33 12.69
CA LEU B 110 -10.71 -1.59 13.91
C LEU B 110 -10.05 -2.48 14.92
N LEU B 111 -9.48 -3.60 14.47
CA LEU B 111 -8.72 -4.46 15.37
C LEU B 111 -7.28 -4.56 14.90
N ILE B 112 -7.04 -4.42 13.60
CA ILE B 112 -5.68 -4.44 13.11
C ILE B 112 -5.15 -3.04 13.05
N PHE B 113 -5.90 -2.08 13.55
CA PHE B 113 -5.40 -0.70 13.61
C PHE B 113 -5.35 -0.28 15.05
N SER B 114 -5.69 -1.19 15.96
CA SER B 114 -5.55 -0.88 17.35
C SER B 114 -4.30 -1.55 17.83
N HIS B 115 -4.15 -2.81 17.46
CA HIS B 115 -2.99 -3.56 17.90
C HIS B 115 -1.73 -2.86 17.43
N LEU B 116 -1.72 -2.32 16.22
CA LEU B 116 -0.49 -1.73 15.72
C LEU B 116 -0.11 -0.52 16.56
N HIS B 117 -1.04 0.03 17.31
CA HIS B 117 -0.75 1.20 18.13
C HIS B 117 -0.63 0.85 19.60
N GLU B 118 -0.46 -0.43 19.90
CA GLU B 118 -0.28 -0.83 21.27
C GLU B 118 1.06 -1.50 21.39
N LEU B 119 1.62 -1.96 20.28
CA LEU B 119 2.94 -2.59 20.31
C LEU B 119 4.01 -1.64 20.87
N SER B 120 5.19 -2.14 21.22
CA SER B 120 6.20 -1.30 21.86
C SER B 120 7.21 -0.67 20.95
N LEU B 121 8.10 0.15 21.52
CA LEU B 121 9.04 0.90 20.69
C LEU B 121 10.06 0.02 20.00
N ARG B 122 10.59 -0.97 20.70
CA ARG B 122 11.64 -1.74 20.06
C ARG B 122 11.17 -2.21 18.71
N TRP B 123 9.98 -2.79 18.65
CA TRP B 123 9.53 -3.35 17.39
C TRP B 123 9.40 -2.27 16.37
N HIS B 124 8.81 -1.16 16.74
CA HIS B 124 8.57 -0.14 15.75
C HIS B 124 9.85 0.36 15.08
N LEU B 125 10.97 0.40 15.78
CA LEU B 125 12.16 0.96 15.15
C LEU B 125 12.90 -0.07 14.34
N GLY B 126 12.18 -1.06 13.81
CA GLY B 126 12.80 -2.06 12.97
C GLY B 126 11.90 -2.57 11.88
N ARG B 127 10.75 -1.96 11.71
CA ARG B 127 9.81 -2.44 10.72
C ARG B 127 10.18 -1.97 9.36
N ARG B 128 9.52 -2.47 8.34
CA ARG B 128 9.74 -1.96 7.00
C ARG B 128 8.43 -1.36 6.57
N THR B 129 8.30 -0.05 6.67
CA THR B 129 7.02 0.60 6.40
C THR B 129 6.31 -0.07 5.25
N GLY B 130 7.01 -0.25 4.15
CA GLY B 130 6.35 -0.82 3.00
C GLY B 130 5.47 -1.98 3.37
N GLU B 131 6.03 -2.99 4.00
CA GLU B 131 5.23 -4.17 4.29
C GLU B 131 4.15 -3.91 5.32
N VAL B 132 4.46 -3.25 6.42
CA VAL B 132 3.45 -3.08 7.47
C VAL B 132 2.26 -2.32 6.96
N LEU B 133 2.36 -1.75 5.77
CA LEU B 133 1.20 -1.10 5.17
C LEU B 133 0.57 -2.05 4.19
N ARG B 134 1.30 -2.66 3.28
CA ARG B 134 0.64 -3.62 2.40
C ARG B 134 -0.26 -4.54 3.21
N ILE B 135 0.28 -5.20 4.23
CA ILE B 135 -0.50 -6.18 4.98
C ILE B 135 -1.78 -5.67 5.58
N ALA B 136 -1.80 -4.43 6.03
CA ALA B 136 -2.99 -3.92 6.70
C ALA B 136 -4.09 -3.44 5.77
N ASP B 137 -3.82 -3.39 4.47
CA ASP B 137 -4.84 -2.87 3.55
C ASP B 137 -5.50 -3.98 2.75
N ARG B 138 -4.75 -5.01 2.42
CA ARG B 138 -5.33 -6.14 1.72
C ARG B 138 -5.95 -7.10 2.72
N GLY B 139 -5.49 -7.07 3.95
CA GLY B 139 -5.97 -8.02 4.94
C GLY B 139 -7.46 -8.04 5.20
N THR B 140 -8.08 -6.89 5.33
CA THR B 140 -9.50 -6.85 5.69
C THR B 140 -10.41 -7.31 4.57
N SER B 141 -9.86 -7.59 3.41
CA SER B 141 -10.67 -8.04 2.29
C SER B 141 -10.51 -9.53 2.04
N SER B 142 -9.59 -10.17 2.74
CA SER B 142 -9.44 -11.59 2.60
C SER B 142 -10.52 -12.31 3.37
N VAL B 143 -10.65 -12.00 4.66
CA VAL B 143 -11.62 -12.71 5.47
C VAL B 143 -13.02 -12.64 4.87
N THR B 144 -13.47 -11.46 4.49
CA THR B 144 -14.80 -11.33 3.93
C THR B 144 -14.93 -12.16 2.67
N GLY B 145 -13.98 -12.04 1.76
CA GLY B 145 -14.04 -12.77 0.51
C GLY B 145 -14.20 -14.27 0.66
N LEU B 146 -13.32 -14.91 1.43
CA LEU B 146 -13.37 -16.37 1.55
C LEU B 146 -14.64 -16.86 2.23
N LEU B 147 -15.06 -16.21 3.30
CA LEU B 147 -16.26 -16.64 3.99
C LEU B 147 -17.44 -16.62 3.04
N SER B 148 -17.23 -16.13 1.83
CA SER B 148 -18.33 -16.02 0.88
C SER B 148 -18.10 -16.91 -0.31
N TYR B 149 -17.20 -17.87 -0.20
CA TYR B 149 -17.00 -18.82 -1.27
C TYR B 149 -16.94 -20.16 -0.62
N LEU B 150 -17.07 -20.17 0.70
CA LEU B 150 -17.05 -21.43 1.44
C LEU B 150 -18.39 -21.66 2.10
N VAL B 151 -19.39 -20.88 1.71
CA VAL B 151 -20.71 -21.09 2.25
C VAL B 151 -21.75 -20.83 1.19
N PHE B 152 -21.32 -20.49 -0.01
CA PHE B 152 -22.27 -20.19 -1.08
C PHE B 152 -21.90 -20.79 -2.42
N ASN B 153 -20.70 -21.32 -2.58
CA ASN B 153 -20.34 -22.01 -3.82
C ASN B 153 -19.71 -23.40 -3.60
N VAL B 154 -19.19 -23.68 -2.41
CA VAL B 154 -18.63 -24.99 -2.14
C VAL B 154 -19.63 -25.90 -1.47
N ILE B 155 -19.98 -25.61 -0.22
CA ILE B 155 -20.89 -26.49 0.48
C ILE B 155 -22.13 -26.75 -0.35
N PRO B 156 -22.72 -25.70 -0.92
CA PRO B 156 -23.89 -26.04 -1.72
C PRO B 156 -23.56 -27.07 -2.77
N THR B 157 -22.52 -26.85 -3.57
CA THR B 157 -22.23 -27.78 -4.66
C THR B 157 -22.19 -29.20 -4.15
N LEU B 158 -21.48 -29.42 -3.06
CA LEU B 158 -21.32 -30.78 -2.57
C LEU B 158 -22.65 -31.44 -2.30
N ALA B 159 -23.57 -30.72 -1.68
CA ALA B 159 -24.83 -31.31 -1.33
C ALA B 159 -25.50 -31.87 -2.56
N ASP B 160 -25.32 -31.23 -3.69
CA ASP B 160 -26.03 -31.68 -4.87
C ASP B 160 -25.62 -33.07 -5.32
N ILE B 161 -24.33 -33.36 -5.32
CA ILE B 161 -23.88 -34.65 -5.80
C ILE B 161 -24.60 -35.73 -5.02
N ILE B 162 -24.69 -35.57 -3.71
CA ILE B 162 -25.33 -36.59 -2.89
C ILE B 162 -26.77 -36.79 -3.28
N ILE B 163 -27.57 -35.72 -3.24
CA ILE B 163 -28.97 -35.86 -3.55
C ILE B 163 -29.09 -36.63 -4.84
N GLY B 164 -28.11 -36.47 -5.71
CA GLY B 164 -28.13 -37.17 -6.98
C GLY B 164 -28.02 -38.67 -6.86
N ILE B 165 -27.12 -39.14 -6.02
CA ILE B 165 -26.92 -40.57 -5.88
C ILE B 165 -28.13 -41.24 -5.23
N ILE B 166 -28.80 -40.55 -4.32
CA ILE B 166 -29.99 -41.11 -3.72
C ILE B 166 -30.96 -41.38 -4.83
N TYR B 167 -31.25 -40.36 -5.63
CA TYR B 167 -32.09 -40.58 -6.79
C TYR B 167 -31.18 -41.31 -7.72
N PHE B 168 -31.64 -41.63 -8.91
CA PHE B 168 -30.81 -42.41 -9.80
C PHE B 168 -30.43 -43.70 -9.10
N SER B 169 -31.18 -44.06 -8.06
CA SER B 169 -30.89 -45.29 -7.33
C SER B 169 -32.15 -45.88 -6.74
N MET B 170 -33.08 -45.02 -6.36
CA MET B 170 -34.35 -45.50 -5.86
C MET B 170 -35.50 -44.94 -6.67
N PHE B 171 -35.23 -44.50 -7.89
CA PHE B 171 -36.30 -44.02 -8.76
C PHE B 171 -36.00 -44.30 -10.24
N PHE B 172 -34.78 -44.71 -10.56
CA PHE B 172 -34.43 -45.02 -11.93
C PHE B 172 -34.06 -46.49 -11.95
N ASN B 173 -32.86 -46.83 -12.38
CA ASN B 173 -32.41 -48.21 -12.30
C ASN B 173 -31.54 -48.31 -11.09
N ALA B 174 -30.39 -48.96 -11.22
CA ALA B 174 -29.48 -49.02 -10.09
C ALA B 174 -28.06 -48.90 -10.55
N TRP B 175 -27.69 -49.70 -11.52
CA TRP B 175 -26.32 -49.66 -11.96
C TRP B 175 -25.92 -48.22 -12.22
N PHE B 176 -26.80 -47.44 -12.83
CA PHE B 176 -26.47 -46.07 -13.14
C PHE B 176 -26.10 -45.35 -11.87
N GLY B 177 -26.73 -45.73 -10.76
CA GLY B 177 -26.42 -45.11 -9.50
C GLY B 177 -25.07 -45.50 -8.96
N LEU B 178 -24.31 -46.25 -9.72
CA LEU B 178 -22.97 -46.60 -9.29
C LEU B 178 -21.98 -45.84 -10.12
N ILE B 179 -22.26 -45.70 -11.41
CA ILE B 179 -21.32 -45.04 -12.29
C ILE B 179 -21.02 -43.65 -11.77
N VAL B 180 -22.02 -42.95 -11.27
CA VAL B 180 -21.79 -41.62 -10.72
C VAL B 180 -20.88 -41.66 -9.51
N PHE B 181 -21.12 -42.57 -8.59
CA PHE B 181 -20.34 -42.61 -7.35
C PHE B 181 -18.86 -42.74 -7.62
N LEU B 182 -18.49 -43.72 -8.42
CA LEU B 182 -17.08 -43.94 -8.65
C LEU B 182 -16.44 -42.71 -9.23
N CYS B 183 -17.09 -42.08 -10.19
CA CYS B 183 -16.48 -40.92 -10.83
C CYS B 183 -16.03 -39.94 -9.77
N MET B 184 -16.94 -39.56 -8.89
CA MET B 184 -16.60 -38.56 -7.90
C MET B 184 -15.40 -39.00 -7.08
N SER B 185 -15.38 -40.24 -6.66
CA SER B 185 -14.30 -40.67 -5.79
C SER B 185 -12.98 -40.39 -6.46
N LEU B 186 -12.85 -40.84 -7.69
CA LEU B 186 -11.59 -40.66 -8.37
C LEU B 186 -11.29 -39.17 -8.49
N TYR B 187 -12.30 -38.35 -8.76
CA TYR B 187 -12.07 -36.92 -8.95
C TYR B 187 -11.38 -36.39 -7.74
N LEU B 188 -11.83 -36.79 -6.57
CA LEU B 188 -11.21 -36.33 -5.35
C LEU B 188 -9.79 -36.87 -5.21
N THR B 189 -9.62 -38.17 -5.35
CA THR B 189 -8.30 -38.74 -5.10
C THR B 189 -7.26 -38.28 -6.10
N LEU B 190 -7.69 -37.60 -7.16
CA LEU B 190 -6.72 -37.08 -8.10
C LEU B 190 -6.46 -35.62 -7.84
N THR B 191 -7.18 -35.03 -6.91
CA THR B 191 -6.91 -33.65 -6.57
C THR B 191 -5.84 -33.63 -5.50
N ILE B 192 -6.05 -34.39 -4.43
CA ILE B 192 -5.10 -34.40 -3.33
C ILE B 192 -3.72 -34.82 -3.76
N VAL B 193 -3.62 -35.96 -4.42
CA VAL B 193 -2.34 -36.43 -4.86
C VAL B 193 -1.60 -35.32 -5.58
N VAL B 194 -2.32 -34.43 -6.27
CA VAL B 194 -1.62 -33.42 -7.06
C VAL B 194 -1.39 -32.14 -6.27
N THR B 195 -2.37 -31.71 -5.48
CA THR B 195 -2.20 -30.45 -4.77
C THR B 195 -0.89 -30.47 -4.01
N GLU B 196 -0.57 -31.59 -3.38
CA GLU B 196 0.66 -31.65 -2.59
C GLU B 196 1.90 -31.47 -3.44
N TRP B 197 2.01 -32.23 -4.51
CA TRP B 197 3.20 -32.18 -5.34
C TRP B 197 3.43 -30.80 -5.90
N ARG B 198 2.53 -29.89 -5.61
CA ARG B 198 2.66 -28.54 -6.13
C ARG B 198 3.15 -27.62 -5.05
N THR B 199 2.81 -27.92 -3.80
CA THR B 199 3.14 -27.00 -2.71
C THR B 199 4.63 -26.74 -2.61
N LYS B 200 5.44 -27.64 -3.14
CA LYS B 200 6.87 -27.42 -3.13
C LYS B 200 7.22 -26.16 -3.90
N PHE B 201 6.33 -25.73 -4.80
CA PHE B 201 6.59 -24.54 -5.59
C PHE B 201 5.99 -23.29 -4.99
N ARG B 202 4.71 -23.34 -4.64
CA ARG B 202 4.04 -22.15 -4.15
C ARG B 202 4.77 -21.56 -2.97
N ARG B 203 5.39 -22.40 -2.16
CA ARG B 203 6.06 -21.90 -0.96
C ARG B 203 7.24 -21.01 -1.29
N ALA B 204 8.02 -21.40 -2.30
CA ALA B 204 9.21 -20.65 -2.64
C ALA B 204 8.92 -19.50 -3.57
N MET B 205 7.68 -19.01 -3.57
CA MET B 205 7.36 -17.87 -4.38
C MET B 205 7.13 -16.73 -3.45
N ASN B 206 6.37 -16.96 -2.40
CA ASN B 206 6.05 -15.86 -1.53
C ASN B 206 7.30 -15.20 -1.01
N THR B 207 8.26 -15.97 -0.55
CA THR B 207 9.44 -15.37 0.07
C THR B 207 10.15 -14.41 -0.84
N GLN B 208 10.50 -14.85 -2.04
CA GLN B 208 11.22 -13.99 -2.94
C GLN B 208 10.41 -12.77 -3.23
N GLU B 209 9.10 -12.92 -3.30
CA GLU B 209 8.25 -11.80 -3.66
C GLU B 209 8.38 -10.63 -2.71
N ASN B 210 8.30 -10.88 -1.42
CA ASN B 210 8.30 -9.77 -0.49
C ASN B 210 9.65 -9.06 -0.47
N ALA B 211 10.66 -9.68 -1.06
CA ALA B 211 11.99 -9.05 -1.08
C ALA B 211 12.36 -8.53 -2.44
N THR B 212 11.41 -8.53 -3.38
CA THR B 212 11.68 -7.96 -4.68
C THR B 212 10.93 -6.67 -4.82
N ARG B 213 10.47 -6.16 -3.70
CA ARG B 213 9.73 -4.92 -3.72
C ARG B 213 10.32 -3.96 -2.73
N ALA B 214 10.79 -4.48 -1.60
CA ALA B 214 11.33 -3.63 -0.55
C ALA B 214 12.26 -2.54 -1.03
N ARG B 215 13.44 -2.92 -1.49
CA ARG B 215 14.40 -1.92 -1.91
C ARG B 215 13.73 -0.75 -2.57
N ALA B 216 12.83 -1.01 -3.50
CA ALA B 216 12.19 0.09 -4.22
C ALA B 216 11.35 0.99 -3.34
N VAL B 217 10.46 0.42 -2.54
CA VAL B 217 9.58 1.27 -1.74
C VAL B 217 10.38 1.98 -0.69
N ASP B 218 11.69 1.94 -0.80
CA ASP B 218 12.54 2.65 0.15
C ASP B 218 13.42 3.64 -0.58
N SER B 219 13.16 3.83 -1.86
CA SER B 219 13.89 4.82 -2.61
C SER B 219 12.89 5.82 -3.07
N LEU B 220 11.75 5.85 -2.42
CA LEU B 220 10.74 6.83 -2.75
C LEU B 220 10.35 7.49 -1.46
N LEU B 221 10.83 6.95 -0.34
CA LEU B 221 10.55 7.56 0.93
C LEU B 221 11.78 8.29 1.38
N ASN B 222 12.79 8.37 0.53
CA ASN B 222 14.00 9.11 0.84
C ASN B 222 14.42 9.77 -0.44
N PHE B 223 13.56 10.60 -1.00
CA PHE B 223 13.84 11.20 -2.30
C PHE B 223 15.06 12.08 -2.34
N GLU B 224 15.22 12.97 -1.38
CA GLU B 224 16.32 13.94 -1.46
C GLU B 224 17.67 13.33 -1.80
N THR B 225 18.09 12.30 -1.08
CA THR B 225 19.40 11.72 -1.32
C THR B 225 19.54 11.15 -2.72
N VAL B 226 18.51 10.50 -3.23
CA VAL B 226 18.61 9.86 -4.53
C VAL B 226 18.62 10.92 -5.60
N LYS B 227 18.76 12.17 -5.20
CA LYS B 227 18.86 13.24 -6.17
C LYS B 227 20.19 13.96 -6.04
N TYR B 228 20.53 14.37 -4.83
CA TYR B 228 21.81 15.03 -4.60
C TYR B 228 22.94 14.26 -5.26
N TYR B 229 23.12 13.00 -4.91
CA TYR B 229 24.21 12.23 -5.45
C TYR B 229 23.89 11.75 -6.85
N ASN B 230 22.85 12.31 -7.45
CA ASN B 230 22.52 11.99 -8.85
C ASN B 230 22.55 10.53 -9.24
N ALA B 231 21.83 9.69 -8.54
CA ALA B 231 21.73 8.31 -8.95
C ALA B 231 20.62 8.31 -9.97
N GLU B 232 19.45 7.84 -9.58
CA GLU B 232 18.29 7.88 -10.48
C GLU B 232 18.45 6.96 -11.67
N SER B 233 19.46 6.13 -11.67
CA SER B 233 19.62 5.15 -12.72
C SER B 233 20.08 3.90 -12.05
N TYR B 234 21.10 4.04 -11.22
CA TYR B 234 21.54 2.89 -10.47
C TYR B 234 20.29 2.22 -9.95
N GLU B 235 19.29 3.01 -9.55
CA GLU B 235 18.10 2.43 -8.96
C GLU B 235 17.20 1.75 -9.97
N VAL B 236 16.86 2.41 -11.08
CA VAL B 236 15.93 1.80 -12.01
C VAL B 236 16.47 0.47 -12.46
N GLU B 237 17.78 0.38 -12.64
CA GLU B 237 18.35 -0.87 -13.12
C GLU B 237 18.21 -1.98 -12.10
N ARG B 238 18.59 -1.71 -10.87
CA ARG B 238 18.55 -2.78 -9.89
C ARG B 238 17.17 -3.41 -9.89
N TYR B 239 16.14 -2.62 -10.11
CA TYR B 239 14.79 -3.16 -10.09
C TYR B 239 14.67 -4.18 -11.19
N ARG B 240 15.10 -3.82 -12.39
CA ARG B 240 14.89 -4.72 -13.52
C ARG B 240 15.45 -6.07 -13.20
N GLU B 241 16.60 -6.13 -12.57
CA GLU B 241 17.22 -7.42 -12.32
C GLU B 241 16.58 -8.15 -11.18
N ALA B 242 15.44 -7.67 -10.71
CA ALA B 242 14.75 -8.40 -9.68
C ALA B 242 13.36 -8.75 -10.14
N ILE B 243 12.86 -8.04 -11.14
CA ILE B 243 11.56 -8.36 -11.66
C ILE B 243 11.74 -9.52 -12.61
N ILE B 244 12.98 -9.91 -12.87
CA ILE B 244 13.23 -11.03 -13.76
C ILE B 244 13.25 -12.33 -12.99
N LYS B 245 14.01 -12.38 -11.91
CA LYS B 245 14.13 -13.65 -11.19
C LYS B 245 12.77 -14.08 -10.62
N TYR B 246 11.97 -13.14 -10.16
CA TYR B 246 10.66 -13.51 -9.67
C TYR B 246 9.90 -14.17 -10.76
N GLN B 247 9.90 -13.57 -11.93
CA GLN B 247 9.09 -14.11 -13.01
C GLN B 247 9.53 -15.52 -13.35
N GLY B 248 10.81 -15.77 -13.28
CA GLY B 248 11.30 -17.07 -13.66
C GLY B 248 10.69 -18.18 -12.86
N LEU B 249 10.08 -17.87 -11.73
CA LEU B 249 9.54 -18.92 -10.89
C LEU B 249 8.06 -19.03 -11.06
N GLU B 250 7.38 -17.91 -11.25
CA GLU B 250 5.94 -17.98 -11.32
C GLU B 250 5.49 -18.86 -12.48
N TRP B 251 6.32 -18.98 -13.50
CA TRP B 251 5.97 -19.80 -14.64
C TRP B 251 5.77 -21.21 -14.15
N LYS B 252 6.66 -21.66 -13.29
CA LYS B 252 6.56 -23.01 -12.78
C LYS B 252 5.23 -23.22 -12.09
N SER B 253 4.81 -22.28 -11.27
CA SER B 253 3.57 -22.46 -10.51
C SER B 253 2.35 -21.96 -11.23
N SER B 254 2.51 -21.49 -12.45
CA SER B 254 1.35 -21.07 -13.22
C SER B 254 1.19 -22.04 -14.35
N ALA B 255 1.89 -23.16 -14.28
CA ALA B 255 1.73 -24.18 -15.29
C ALA B 255 1.29 -25.43 -14.59
N SER B 256 1.72 -25.62 -13.36
CA SER B 256 1.23 -26.76 -12.62
C SER B 256 -0.28 -26.70 -12.67
N LEU B 257 -0.83 -25.52 -12.46
CA LEU B 257 -2.28 -25.39 -12.43
C LEU B 257 -2.89 -25.93 -13.71
N VAL B 258 -2.33 -25.59 -14.87
CA VAL B 258 -2.95 -26.02 -16.10
C VAL B 258 -2.96 -27.54 -16.15
N LEU B 259 -1.98 -28.19 -15.54
CA LEU B 259 -2.01 -29.64 -15.48
C LEU B 259 -3.17 -30.13 -14.60
N LEU B 260 -3.30 -29.59 -13.40
CA LEU B 260 -4.33 -30.04 -12.50
C LEU B 260 -5.66 -29.79 -13.12
N ASN B 261 -5.78 -28.73 -13.88
CA ASN B 261 -7.07 -28.39 -14.44
C ASN B 261 -7.28 -29.10 -15.74
N GLN B 262 -6.38 -30.01 -16.13
CA GLN B 262 -6.67 -30.79 -17.33
C GLN B 262 -6.91 -32.25 -17.00
N THR B 263 -6.19 -32.79 -16.03
CA THR B 263 -6.42 -34.17 -15.62
C THR B 263 -7.83 -34.37 -15.10
N GLN B 264 -8.35 -33.41 -14.38
CA GLN B 264 -9.71 -33.53 -13.89
C GLN B 264 -10.67 -33.67 -15.04
N ASN B 265 -10.42 -33.01 -16.17
CA ASN B 265 -11.38 -33.04 -17.26
C ASN B 265 -11.61 -34.47 -17.72
N LEU B 266 -10.55 -35.27 -17.78
CA LEU B 266 -10.67 -36.63 -18.26
C LEU B 266 -11.58 -37.42 -17.37
N VAL B 267 -11.28 -37.46 -16.09
CA VAL B 267 -12.07 -38.26 -15.20
C VAL B 267 -13.55 -38.00 -15.46
N ILE B 268 -13.92 -36.73 -15.58
CA ILE B 268 -15.30 -36.40 -15.86
C ILE B 268 -15.71 -36.97 -17.19
N GLY B 269 -14.86 -36.79 -18.19
CA GLY B 269 -15.20 -37.25 -19.51
C GLY B 269 -15.56 -38.72 -19.55
N LEU B 270 -14.74 -39.56 -18.93
CA LEU B 270 -14.99 -40.99 -19.03
C LEU B 270 -16.38 -41.28 -18.51
N GLY B 271 -16.76 -40.65 -17.41
CA GLY B 271 -18.05 -40.92 -16.82
C GLY B 271 -19.17 -40.85 -17.81
N LEU B 272 -19.21 -39.77 -18.58
CA LEU B 272 -20.30 -39.60 -19.51
C LEU B 272 -20.32 -40.75 -20.49
N LEU B 273 -19.16 -41.22 -20.94
CA LEU B 273 -19.14 -42.28 -21.95
C LEU B 273 -19.85 -43.49 -21.41
N ALA B 274 -19.46 -43.93 -20.22
CA ALA B 274 -20.06 -45.14 -19.68
C ALA B 274 -21.53 -44.99 -19.62
N GLY B 275 -21.97 -43.95 -18.94
CA GLY B 275 -23.40 -43.80 -18.77
C GLY B 275 -24.15 -43.73 -20.07
N SER B 276 -23.77 -42.86 -20.97
CA SER B 276 -24.55 -42.71 -22.17
C SER B 276 -24.64 -44.05 -22.89
N LEU B 277 -23.51 -44.72 -23.08
CA LEU B 277 -23.50 -45.96 -23.85
C LEU B 277 -24.42 -47.01 -23.25
N LEU B 278 -24.34 -47.21 -21.94
CA LEU B 278 -25.15 -48.22 -21.31
C LEU B 278 -26.61 -47.88 -21.48
N CYS B 279 -26.99 -46.65 -21.20
CA CYS B 279 -28.41 -46.32 -21.27
C CYS B 279 -28.99 -46.74 -22.61
N ALA B 280 -28.29 -46.46 -23.69
CA ALA B 280 -28.81 -46.79 -25.01
C ALA B 280 -28.99 -48.28 -25.15
N TYR B 281 -28.06 -49.05 -24.62
CA TYR B 281 -28.16 -50.48 -24.74
C TYR B 281 -29.48 -50.92 -24.19
N PHE B 282 -29.79 -50.46 -22.99
CA PHE B 282 -31.01 -50.92 -22.37
C PHE B 282 -32.22 -50.56 -23.21
N VAL B 283 -32.29 -49.34 -23.70
CA VAL B 283 -33.50 -48.93 -24.43
C VAL B 283 -33.69 -49.77 -25.67
N THR B 284 -32.60 -50.27 -26.23
CA THR B 284 -32.73 -51.14 -27.39
C THR B 284 -33.37 -52.44 -26.97
N GLU B 285 -32.95 -52.98 -25.84
CA GLU B 285 -33.55 -54.21 -25.32
C GLU B 285 -34.83 -53.92 -24.56
N GLN B 286 -35.66 -53.04 -25.09
CA GLN B 286 -36.95 -52.74 -24.46
C GLN B 286 -36.98 -52.87 -22.95
N LYS B 287 -36.30 -51.99 -22.24
CA LYS B 287 -36.36 -51.99 -20.77
C LYS B 287 -36.60 -50.59 -20.26
N LEU B 288 -36.03 -49.57 -20.90
CA LEU B 288 -36.27 -48.18 -20.52
C LEU B 288 -36.75 -47.42 -21.75
N GLN B 289 -37.85 -46.68 -21.64
CA GLN B 289 -38.42 -46.00 -22.81
C GLN B 289 -37.61 -44.80 -23.30
N VAL B 290 -37.81 -44.42 -24.56
CA VAL B 290 -37.00 -43.33 -25.13
C VAL B 290 -37.08 -42.10 -24.28
N GLY B 291 -38.25 -41.83 -23.76
CA GLY B 291 -38.41 -40.62 -23.00
C GLY B 291 -37.28 -40.58 -21.99
N ASP B 292 -37.02 -41.69 -21.33
CA ASP B 292 -36.02 -41.66 -20.29
C ASP B 292 -34.65 -41.26 -20.77
N TYR B 293 -34.33 -41.46 -22.04
CA TYR B 293 -32.99 -41.12 -22.45
C TYR B 293 -32.83 -39.62 -22.48
N VAL B 294 -33.90 -38.87 -22.27
CA VAL B 294 -33.75 -37.43 -22.20
C VAL B 294 -33.39 -36.98 -20.78
N LEU B 295 -33.89 -37.69 -19.77
CA LEU B 295 -33.62 -37.28 -18.40
C LEU B 295 -32.15 -37.47 -18.11
N PHE B 296 -31.58 -38.60 -18.52
CA PHE B 296 -30.19 -38.88 -18.20
C PHE B 296 -29.30 -38.11 -19.14
N GLY B 297 -29.89 -37.19 -19.89
CA GLY B 297 -29.12 -36.38 -20.80
C GLY B 297 -29.15 -34.94 -20.36
N THR B 298 -30.05 -34.61 -19.45
CA THR B 298 -30.11 -33.26 -18.96
C THR B 298 -29.62 -33.23 -17.53
N TYR B 299 -29.98 -34.22 -16.73
CA TYR B 299 -29.60 -34.15 -15.34
C TYR B 299 -28.10 -34.16 -15.27
N ILE B 300 -27.46 -35.08 -15.98
CA ILE B 300 -26.02 -35.17 -15.88
C ILE B 300 -25.36 -33.83 -16.14
N ILE B 301 -25.48 -33.31 -17.35
CA ILE B 301 -24.76 -32.09 -17.66
C ILE B 301 -24.94 -31.10 -16.53
N GLN B 302 -26.17 -30.90 -16.09
CA GLN B 302 -26.43 -29.91 -15.04
C GLN B 302 -25.87 -30.32 -13.69
N LEU B 303 -25.02 -31.33 -13.66
CA LEU B 303 -24.48 -31.81 -12.39
C LEU B 303 -22.99 -31.88 -12.44
N TYR B 304 -22.42 -31.69 -13.61
CA TYR B 304 -20.97 -31.69 -13.73
C TYR B 304 -20.44 -30.32 -14.09
N MET B 305 -21.32 -29.44 -14.56
CA MET B 305 -20.92 -28.08 -14.89
C MET B 305 -20.16 -27.40 -13.76
N PRO B 306 -20.68 -27.48 -12.52
CA PRO B 306 -20.01 -26.75 -11.43
C PRO B 306 -18.55 -27.13 -11.32
N LEU B 307 -18.23 -28.41 -11.33
CA LEU B 307 -16.85 -28.77 -11.11
C LEU B 307 -15.99 -27.95 -12.06
N ASN B 308 -16.26 -28.07 -13.34
CA ASN B 308 -15.44 -27.37 -14.31
C ASN B 308 -15.36 -25.89 -14.08
N ALA B 309 -16.40 -25.28 -13.54
CA ALA B 309 -16.37 -23.83 -13.41
C ALA B 309 -15.26 -23.34 -12.52
N PHE B 310 -14.99 -24.03 -11.43
CA PHE B 310 -13.98 -23.55 -10.48
C PHE B 310 -12.65 -23.36 -11.18
N GLY B 311 -12.54 -23.86 -12.41
CA GLY B 311 -11.28 -23.79 -13.11
C GLY B 311 -10.69 -22.42 -13.28
N THR B 312 -11.52 -21.40 -13.39
CA THR B 312 -10.99 -20.08 -13.65
C THR B 312 -10.79 -19.29 -12.37
N TYR B 313 -10.89 -19.95 -11.23
CA TYR B 313 -10.73 -19.26 -9.96
C TYR B 313 -9.49 -19.70 -9.19
N TYR B 314 -9.06 -20.95 -9.34
CA TYR B 314 -7.95 -21.46 -8.54
C TYR B 314 -6.89 -20.41 -8.38
N ARG B 315 -6.69 -19.59 -9.38
CA ARG B 315 -5.60 -18.63 -9.29
C ARG B 315 -5.75 -17.73 -8.11
N MET B 316 -6.92 -17.15 -7.93
CA MET B 316 -7.07 -16.18 -6.86
C MET B 316 -7.14 -16.82 -5.49
N ILE B 317 -8.03 -17.79 -5.31
CA ILE B 317 -8.22 -18.38 -4.00
C ILE B 317 -6.87 -18.58 -3.34
N GLN B 318 -5.85 -18.93 -4.12
CA GLN B 318 -4.51 -19.08 -3.54
C GLN B 318 -4.01 -17.79 -2.95
N THR B 319 -4.09 -16.70 -3.70
CA THR B 319 -3.55 -15.44 -3.22
C THR B 319 -4.24 -15.04 -1.94
N ASN B 320 -5.57 -15.15 -1.92
CA ASN B 320 -6.29 -14.73 -0.73
C ASN B 320 -5.85 -15.54 0.49
N PHE B 321 -5.66 -16.84 0.35
CA PHE B 321 -5.18 -17.62 1.47
C PHE B 321 -3.90 -17.03 1.99
N ILE B 322 -2.93 -16.79 1.10
CA ILE B 322 -1.64 -16.31 1.58
C ILE B 322 -1.80 -15.08 2.44
N ASP B 323 -2.61 -14.12 1.99
CA ASP B 323 -2.74 -12.89 2.74
C ASP B 323 -3.35 -13.09 4.12
N MET B 324 -4.37 -13.94 4.22
CA MET B 324 -4.96 -14.19 5.51
C MET B 324 -3.89 -14.68 6.45
N GLU B 325 -3.06 -15.59 5.99
CA GLU B 325 -2.06 -16.16 6.86
C GLU B 325 -1.23 -15.04 7.45
N ASN B 326 -0.77 -14.11 6.63
CA ASN B 326 0.10 -13.04 7.12
C ASN B 326 -0.56 -12.20 8.19
N MET B 327 -1.79 -11.77 7.95
CA MET B 327 -2.45 -10.92 8.92
C MET B 327 -2.50 -11.64 10.24
N PHE B 328 -2.96 -12.87 10.23
CA PHE B 328 -3.10 -13.59 11.48
C PHE B 328 -1.76 -13.67 12.14
N ASP B 329 -0.69 -13.93 11.41
CA ASP B 329 0.62 -13.90 12.06
C ASP B 329 0.79 -12.67 12.95
N LEU B 330 0.57 -11.48 12.41
CA LEU B 330 0.80 -10.26 13.19
C LEU B 330 -0.04 -10.21 14.45
N LEU B 331 -1.31 -10.56 14.36
CA LEU B 331 -2.19 -10.46 15.53
C LEU B 331 -1.84 -11.49 16.59
N LYS B 332 -0.68 -12.13 16.49
CA LYS B 332 -0.25 -13.08 17.53
C LYS B 332 1.01 -12.61 18.22
N GLU B 333 1.64 -11.55 17.73
CA GLU B 333 2.82 -11.03 18.38
C GLU B 333 2.41 -10.51 19.74
N GLU B 334 3.37 -10.26 20.62
CA GLU B 334 3.04 -9.82 21.96
C GLU B 334 3.79 -8.55 22.35
N THR B 335 3.14 -7.70 23.13
CA THR B 335 3.79 -6.49 23.58
C THR B 335 4.91 -6.86 24.51
N GLU B 336 5.97 -6.05 24.55
CA GLU B 336 7.12 -6.38 25.37
C GLU B 336 7.02 -5.84 26.79
N VAL B 337 6.87 -4.54 26.92
CA VAL B 337 6.76 -3.93 28.24
C VAL B 337 5.31 -3.84 28.61
N LYS B 338 4.80 -4.85 29.31
CA LYS B 338 3.38 -4.87 29.66
C LYS B 338 3.11 -4.21 30.98
N ASP B 339 1.87 -4.31 31.45
CA ASP B 339 1.50 -3.70 32.71
C ASP B 339 1.12 -4.75 33.74
N LEU B 340 1.36 -4.48 35.01
CA LEU B 340 1.05 -5.41 36.08
C LEU B 340 -0.44 -5.37 36.40
N PRO B 341 -1.15 -6.49 36.33
CA PRO B 341 -2.57 -6.48 36.69
C PRO B 341 -2.78 -6.07 38.14
N GLY B 342 -3.93 -5.45 38.39
CA GLY B 342 -4.24 -4.95 39.73
C GLY B 342 -3.36 -3.79 40.16
N ALA B 343 -3.13 -2.82 39.29
CA ALA B 343 -2.26 -1.69 39.56
C ALA B 343 -3.10 -0.43 39.78
N GLY B 344 -2.56 0.47 40.60
CA GLY B 344 -3.24 1.70 40.93
C GLY B 344 -2.59 2.93 40.33
N PRO B 345 -3.34 4.03 40.23
CA PRO B 345 -2.78 5.26 39.68
C PRO B 345 -1.76 5.90 40.61
N LEU B 346 -0.88 6.69 40.00
CA LEU B 346 0.18 7.36 40.73
C LEU B 346 -0.37 8.51 41.56
N ARG B 347 0.22 8.71 42.74
CA ARG B 347 -0.10 9.84 43.61
C ARG B 347 1.02 10.87 43.51
N PHE B 348 0.70 12.02 42.96
CA PHE B 348 1.69 13.06 42.65
C PHE B 348 1.47 14.26 43.57
N GLN B 349 2.49 14.60 44.36
CA GLN B 349 2.43 15.76 45.24
C GLN B 349 3.51 16.78 44.96
N LYS B 350 4.77 16.36 44.85
CA LYS B 350 5.88 17.30 44.68
C LYS B 350 6.68 17.06 43.40
N GLY B 351 7.02 15.80 43.10
CA GLY B 351 7.81 15.51 41.92
C GLY B 351 9.29 15.32 42.19
N ARG B 352 9.59 14.37 43.07
CA ARG B 352 10.99 14.06 43.35
C ARG B 352 11.37 12.80 42.61
N ILE B 353 12.53 12.81 41.98
CA ILE B 353 13.01 11.68 41.20
C ILE B 353 14.34 11.21 41.77
N GLU B 354 14.52 9.89 41.83
CA GLU B 354 15.73 9.31 42.38
C GLU B 354 16.10 8.05 41.60
N PHE B 355 17.38 7.86 41.35
CA PHE B 355 17.90 6.68 40.68
C PHE B 355 18.75 5.87 41.66
N GLU B 356 18.70 4.53 41.53
CA GLU B 356 19.35 3.63 42.48
C GLU B 356 20.07 2.51 41.73
N ASN B 357 21.31 2.78 41.32
CA ASN B 357 22.22 1.77 40.77
C ASN B 357 21.57 0.99 39.63
N VAL B 358 21.26 1.72 38.55
CA VAL B 358 20.58 1.15 37.40
C VAL B 358 21.61 0.63 36.40
N HIS B 359 21.41 -0.59 35.92
CA HIS B 359 22.25 -1.19 34.90
C HIS B 359 21.39 -1.57 33.70
N PHE B 360 21.83 -1.17 32.51
CA PHE B 360 21.04 -1.37 31.31
C PHE B 360 21.92 -1.84 30.17
N SER B 361 21.39 -2.73 29.34
CA SER B 361 22.07 -3.21 28.14
C SER B 361 21.10 -3.17 26.97
N TYR B 362 21.63 -2.90 25.79
CA TYR B 362 20.79 -2.81 24.59
C TYR B 362 20.73 -4.15 23.86
N ALA B 363 21.88 -4.65 23.42
CA ALA B 363 21.95 -5.87 22.63
C ALA B 363 22.49 -7.06 23.44
N ASP B 364 22.48 -6.95 24.77
CA ASP B 364 22.89 -8.03 25.66
C ASP B 364 24.37 -8.36 25.50
N GLY B 365 25.11 -7.52 24.78
CA GLY B 365 26.53 -7.72 24.59
C GLY B 365 27.38 -6.82 25.46
N ARG B 366 26.95 -5.56 25.60
CA ARG B 366 27.69 -4.57 26.37
C ARG B 366 26.71 -3.73 27.17
N GLU B 367 27.24 -3.03 28.17
CA GLU B 367 26.45 -2.21 29.08
C GLU B 367 26.63 -0.75 28.68
N THR B 368 25.68 -0.23 27.91
CA THR B 368 25.76 1.17 27.50
C THR B 368 25.64 2.11 28.69
N LEU B 369 24.69 1.85 29.58
CA LEU B 369 24.51 2.63 30.80
C LEU B 369 24.60 1.70 32.00
N GLN B 370 25.39 2.09 33.00
CA GLN B 370 25.59 1.24 34.16
C GLN B 370 26.08 2.07 35.34
N ASP B 371 25.58 1.75 36.53
CA ASP B 371 26.04 2.31 37.79
C ASP B 371 25.87 3.83 37.81
N VAL B 372 24.61 4.25 37.75
CA VAL B 372 24.23 5.66 37.81
C VAL B 372 23.19 5.85 38.90
N SER B 373 23.41 6.83 39.76
CA SER B 373 22.45 7.16 40.81
C SER B 373 22.57 8.65 41.14
N PHE B 374 21.42 9.32 41.23
CA PHE B 374 21.38 10.73 41.55
C PHE B 374 20.01 11.06 42.14
N THR B 375 19.92 12.23 42.76
CA THR B 375 18.70 12.68 43.40
C THR B 375 18.48 14.16 43.10
N VAL B 376 17.23 14.53 42.78
CA VAL B 376 16.87 15.91 42.48
C VAL B 376 15.84 16.35 43.51
N MET B 377 16.13 17.45 44.21
CA MET B 377 15.17 18.03 45.13
C MET B 377 14.09 18.78 44.35
N PRO B 378 12.88 18.86 44.89
CA PRO B 378 11.78 19.52 44.17
C PRO B 378 12.11 20.97 43.87
N GLY B 379 11.67 21.43 42.70
CA GLY B 379 11.88 22.80 42.29
C GLY B 379 13.30 23.14 41.88
N GLN B 380 14.09 22.17 41.46
CA GLN B 380 15.48 22.38 41.10
C GLN B 380 15.73 21.88 39.68
N THR B 381 16.72 22.49 39.03
CA THR B 381 17.08 22.16 37.65
C THR B 381 18.40 21.41 37.63
N LEU B 382 18.43 20.28 36.94
CA LEU B 382 19.63 19.48 36.77
C LEU B 382 20.05 19.52 35.30
N ALA B 383 21.36 19.50 35.07
CA ALA B 383 21.90 19.52 33.72
C ALA B 383 22.89 18.38 33.53
N LEU B 384 23.01 17.91 32.29
CA LEU B 384 23.96 16.87 31.93
C LEU B 384 24.82 17.35 30.77
N VAL B 385 26.14 17.19 30.91
CA VAL B 385 27.09 17.56 29.88
C VAL B 385 28.09 16.42 29.69
N GLY B 386 28.48 16.20 28.45
CA GLY B 386 29.46 15.18 28.14
C GLY B 386 29.72 15.07 26.66
N PRO B 387 30.68 14.25 26.27
CA PRO B 387 30.98 14.06 24.84
C PRO B 387 29.89 13.25 24.16
N SER B 388 29.93 13.27 22.83
CA SER B 388 28.94 12.55 22.06
C SER B 388 29.05 11.06 22.25
N GLY B 389 27.92 10.38 22.22
CA GLY B 389 27.90 8.95 22.35
C GLY B 389 28.06 8.43 23.77
N ALA B 390 27.98 9.30 24.77
CA ALA B 390 28.17 8.87 26.15
C ALA B 390 26.92 8.26 26.77
N GLY B 391 25.75 8.44 26.15
CA GLY B 391 24.52 7.94 26.70
C GLY B 391 23.68 8.97 27.45
N LYS B 392 23.60 10.21 26.94
CA LYS B 392 22.82 11.23 27.63
C LYS B 392 21.32 11.00 27.47
N SER B 393 20.88 10.68 26.25
CA SER B 393 19.46 10.56 25.97
C SER B 393 18.84 9.28 26.50
N THR B 394 19.67 8.25 26.75
CA THR B 394 19.13 6.98 27.24
C THR B 394 18.48 7.13 28.60
N ILE B 395 19.02 8.01 29.46
CA ILE B 395 18.41 8.24 30.77
C ILE B 395 17.00 8.81 30.61
N LEU B 396 16.84 9.79 29.72
CA LEU B 396 15.51 10.36 29.50
C LEU B 396 14.57 9.33 28.89
N ARG B 397 15.05 8.53 27.95
CA ARG B 397 14.19 7.49 27.37
C ARG B 397 13.77 6.48 28.43
N LEU B 398 14.67 6.13 29.33
CA LEU B 398 14.37 5.15 30.37
C LEU B 398 13.45 5.70 31.44
N LEU B 399 13.54 7.00 31.73
CA LEU B 399 12.62 7.59 32.70
C LEU B 399 11.18 7.50 32.23
N PHE B 400 10.94 7.66 30.94
CA PHE B 400 9.58 7.65 30.41
C PHE B 400 9.07 6.23 30.31
N ARG B 401 9.93 5.28 30.65
CA ARG B 401 9.55 3.87 30.60
C ARG B 401 9.22 3.33 29.23
N PHE B 402 10.11 3.51 28.27
CA PHE B 402 9.89 2.91 26.97
C PHE B 402 10.62 1.58 26.93
N TYR B 403 11.54 1.37 27.87
CA TYR B 403 12.26 0.09 27.96
C TYR B 403 12.27 -0.41 29.40
N ASP B 404 12.71 -1.64 29.63
CA ASP B 404 12.72 -2.19 30.98
C ASP B 404 14.16 -2.40 31.45
N ILE B 405 14.42 -2.03 32.70
CA ILE B 405 15.75 -2.16 33.28
C ILE B 405 16.03 -3.63 33.58
N SER B 406 17.30 -3.96 33.80
CA SER B 406 17.71 -5.32 34.17
C SER B 406 17.92 -5.48 35.67
N SER B 407 18.47 -4.46 36.33
CA SER B 407 18.70 -4.49 37.77
C SER B 407 18.51 -3.08 38.30
N GLY B 408 18.65 -2.93 39.61
CA GLY B 408 18.47 -1.63 40.24
C GLY B 408 17.01 -1.27 40.42
N CYS B 409 16.79 0.00 40.77
CA CYS B 409 15.46 0.49 41.05
C CYS B 409 15.37 1.96 40.70
N ILE B 410 14.20 2.37 40.18
CA ILE B 410 13.90 3.75 39.87
C ILE B 410 12.65 4.14 40.65
N ARG B 411 12.74 5.23 41.41
CA ARG B 411 11.66 5.64 42.29
C ARG B 411 11.38 7.13 42.10
N ILE B 412 10.11 7.48 42.00
CA ILE B 412 9.67 8.87 41.90
C ILE B 412 8.65 9.13 43.00
N ASP B 413 8.86 10.21 43.76
CA ASP B 413 7.91 10.66 44.78
C ASP B 413 7.68 9.58 45.84
N GLY B 414 8.64 8.69 46.04
CA GLY B 414 8.50 7.60 46.97
C GLY B 414 7.79 6.38 46.43
N GLN B 415 7.36 6.39 45.18
CA GLN B 415 6.70 5.27 44.55
C GLN B 415 7.56 4.71 43.42
N ASP B 416 7.67 3.39 43.36
CA ASP B 416 8.41 2.73 42.31
C ASP B 416 7.62 2.73 41.00
N ILE B 417 8.36 2.72 39.88
CA ILE B 417 7.75 2.79 38.56
C ILE B 417 7.05 1.51 38.13
N SER B 418 7.57 0.35 38.53
CA SER B 418 7.17 -0.91 37.90
C SER B 418 5.74 -1.32 38.22
N GLN B 419 5.11 -0.74 39.25
CA GLN B 419 3.79 -1.19 39.66
C GLN B 419 2.67 -0.21 39.34
N VAL B 420 2.98 1.01 38.91
CA VAL B 420 1.95 1.99 38.59
C VAL B 420 1.58 1.87 37.11
N THR B 421 0.31 2.09 36.79
CA THR B 421 -0.16 2.02 35.42
C THR B 421 0.53 3.10 34.58
N GLN B 422 0.99 2.71 33.40
CA GLN B 422 1.65 3.65 32.53
C GLN B 422 0.71 4.76 32.13
N ALA B 423 -0.52 4.41 31.84
CA ALA B 423 -1.46 5.42 31.36
C ALA B 423 -1.57 6.58 32.34
N SER B 424 -1.64 6.28 33.64
CA SER B 424 -1.63 7.32 34.65
C SER B 424 -0.24 7.90 34.88
N LEU B 425 0.81 7.14 34.57
CA LEU B 425 2.17 7.65 34.73
C LEU B 425 2.48 8.74 33.71
N ARG B 426 2.05 8.55 32.46
CA ARG B 426 2.43 9.45 31.38
C ARG B 426 1.58 10.72 31.32
N SER B 427 0.60 10.87 32.21
CA SER B 427 -0.23 12.07 32.21
C SER B 427 0.38 13.21 33.02
N HIS B 428 1.54 13.00 33.63
CA HIS B 428 2.17 14.01 34.47
C HIS B 428 3.48 14.54 33.89
N ILE B 429 3.87 14.11 32.70
CA ILE B 429 5.18 14.42 32.15
C ILE B 429 5.03 14.87 30.70
N GLY B 430 5.75 15.92 30.33
CA GLY B 430 5.78 16.40 28.96
C GLY B 430 7.19 16.71 28.50
N VAL B 431 7.59 16.17 27.34
CA VAL B 431 8.96 16.23 26.88
C VAL B 431 8.99 16.73 25.44
N VAL B 432 9.89 17.67 25.16
CA VAL B 432 10.17 18.07 23.77
C VAL B 432 11.14 17.06 23.17
N PRO B 433 10.83 16.47 22.01
CA PRO B 433 11.70 15.42 21.45
C PRO B 433 12.97 16.00 20.85
N GLN B 434 13.92 15.14 20.53
CA GLN B 434 15.17 15.61 19.93
C GLN B 434 14.93 16.11 18.52
N ASP B 435 14.15 15.36 17.74
CA ASP B 435 13.83 15.81 16.39
C ASP B 435 12.32 16.07 16.30
N THR B 436 11.95 17.11 15.57
CA THR B 436 10.56 17.55 15.49
C THR B 436 9.91 16.98 14.23
N VAL B 437 8.72 16.41 14.41
CA VAL B 437 7.89 15.94 13.31
C VAL B 437 6.48 16.46 13.51
N LEU B 438 5.87 16.97 12.45
CA LEU B 438 4.56 17.59 12.52
C LEU B 438 3.61 16.89 11.55
N PHE B 439 2.35 16.82 11.96
CA PHE B 439 1.31 16.24 11.10
C PHE B 439 1.07 17.11 9.88
N ASN B 440 0.63 16.48 8.79
CA ASN B 440 0.30 17.19 7.55
C ASN B 440 -1.05 17.88 7.72
N ASP B 441 -1.04 18.94 8.53
CA ASP B 441 -2.25 19.67 8.86
C ASP B 441 -1.86 21.11 9.17
N THR B 442 -2.85 21.92 9.50
CA THR B 442 -2.60 23.34 9.73
C THR B 442 -1.81 23.57 11.02
N ILE B 443 -1.14 24.72 11.08
CA ILE B 443 -0.26 25.04 12.20
C ILE B 443 -1.06 25.22 13.48
N ALA B 444 -2.25 25.80 13.39
CA ALA B 444 -3.07 25.96 14.58
C ALA B 444 -3.44 24.61 15.19
N ASP B 445 -3.85 23.65 14.36
CA ASP B 445 -4.18 22.33 14.87
C ASP B 445 -2.93 21.59 15.34
N ASN B 446 -1.77 21.85 14.73
CA ASN B 446 -0.53 21.27 15.24
C ASN B 446 -0.24 21.77 16.64
N ILE B 447 -0.44 23.08 16.88
CA ILE B 447 -0.19 23.64 18.20
C ILE B 447 -1.21 23.11 19.21
N ARG B 448 -2.47 22.97 18.79
CA ARG B 448 -3.53 22.59 19.70
C ARG B 448 -3.43 21.14 20.19
N TYR B 449 -2.52 20.34 19.63
CA TYR B 449 -2.47 18.93 19.96
C TYR B 449 -2.09 18.68 21.41
N GLY B 450 -1.58 19.70 22.11
CA GLY B 450 -1.26 19.53 23.52
C GLY B 450 -2.47 19.19 24.37
N ARG B 451 -3.60 19.85 24.08
CA ARG B 451 -4.86 19.54 24.76
C ARG B 451 -5.99 19.93 23.82
N VAL B 452 -6.86 18.98 23.49
CA VAL B 452 -7.92 19.23 22.53
C VAL B 452 -9.19 19.86 23.09
N THR B 453 -9.06 21.00 23.76
CA THR B 453 -10.24 21.68 24.27
C THR B 453 -10.10 23.19 24.26
N ALA B 454 -8.90 23.70 24.42
CA ALA B 454 -8.72 25.16 24.51
C ALA B 454 -9.13 25.90 23.25
N GLY B 455 -9.55 27.14 23.42
CA GLY B 455 -9.98 27.94 22.28
C GLY B 455 -8.82 28.72 21.71
N ASN B 456 -9.10 29.60 20.76
CA ASN B 456 -8.01 30.32 20.11
C ASN B 456 -7.29 31.21 21.10
N ASP B 457 -7.94 31.54 22.21
CA ASP B 457 -7.31 32.38 23.21
C ASP B 457 -5.99 31.84 23.70
N GLU B 458 -6.02 30.66 24.31
CA GLU B 458 -4.80 30.08 24.86
C GLU B 458 -3.75 29.81 23.80
N VAL B 459 -4.16 29.23 22.68
CA VAL B 459 -3.21 28.97 21.63
C VAL B 459 -2.49 30.25 21.34
N GLU B 460 -3.23 31.34 21.22
CA GLU B 460 -2.63 32.62 20.88
C GLU B 460 -1.66 33.12 21.93
N ALA B 461 -2.08 33.10 23.19
CA ALA B 461 -1.21 33.57 24.25
C ALA B 461 0.00 32.67 24.38
N ALA B 462 -0.23 31.37 24.40
CA ALA B 462 0.87 30.42 24.55
C ALA B 462 1.81 30.58 23.39
N ALA B 463 1.29 31.07 22.29
CA ALA B 463 2.20 31.32 21.18
C ALA B 463 3.23 32.40 21.51
N GLN B 464 2.95 33.26 22.48
CA GLN B 464 3.88 34.33 22.83
C GLN B 464 5.04 33.84 23.69
N ALA B 465 4.92 32.67 24.32
CA ALA B 465 6.00 32.17 25.15
C ALA B 465 7.22 31.84 24.33
N ALA B 466 7.04 31.22 23.16
CA ALA B 466 8.16 30.84 22.31
C ALA B 466 8.61 31.97 21.39
N GLY B 467 7.90 33.10 21.37
CA GLY B 467 8.25 34.20 20.51
C GLY B 467 7.84 34.04 19.07
N ILE B 468 6.92 33.12 18.77
CA ILE B 468 6.49 32.86 17.39
C ILE B 468 5.28 33.70 16.98
N HIS B 469 4.64 34.38 17.93
CA HIS B 469 3.44 35.13 17.60
C HIS B 469 3.77 36.23 16.60
N ASP B 470 4.81 37.00 16.87
CA ASP B 470 5.17 38.10 16.00
C ASP B 470 5.65 37.65 14.63
N ALA B 471 5.94 36.36 14.47
CA ALA B 471 6.41 35.83 13.19
C ALA B 471 5.29 35.19 12.37
N ILE B 472 4.34 34.51 13.02
CA ILE B 472 3.27 33.86 12.26
C ILE B 472 2.36 34.90 11.60
N MET B 473 2.12 36.02 12.27
CA MET B 473 1.15 37.00 11.78
C MET B 473 1.55 37.56 10.42
N ALA B 474 2.85 37.59 10.12
CA ALA B 474 3.31 38.06 8.83
C ALA B 474 3.01 37.09 7.71
N PHE B 475 2.72 35.83 8.02
CA PHE B 475 2.42 34.86 6.98
C PHE B 475 1.09 35.19 6.30
N PRO B 476 0.95 34.92 5.01
CA PRO B 476 -0.37 35.03 4.38
C PRO B 476 -1.36 34.07 4.99
N GLU B 477 -2.60 34.53 5.11
CA GLU B 477 -3.71 33.85 5.79
C GLU B 477 -3.45 33.60 7.27
N GLY B 478 -2.32 34.05 7.81
CA GLY B 478 -2.12 33.99 9.24
C GLY B 478 -2.01 32.58 9.78
N TYR B 479 -2.87 32.19 10.71
CA TYR B 479 -2.75 30.87 11.34
C TYR B 479 -3.40 29.71 10.62
N ARG B 480 -3.95 29.93 9.44
CA ARG B 480 -4.48 28.81 8.67
C ARG B 480 -3.56 28.41 7.52
N THR B 481 -2.29 28.80 7.57
CA THR B 481 -1.34 28.38 6.55
C THR B 481 -1.02 26.90 6.71
N GLN B 482 -0.68 26.27 5.58
CA GLN B 482 -0.35 24.86 5.56
C GLN B 482 1.08 24.63 6.02
N VAL B 483 1.35 23.38 6.40
CA VAL B 483 2.67 23.00 6.89
C VAL B 483 3.37 21.98 6.02
N GLY B 484 2.64 21.11 5.33
CA GLY B 484 3.24 20.07 4.52
C GLY B 484 3.53 18.81 5.32
N GLU B 485 3.83 17.74 4.59
CA GLU B 485 4.06 16.46 5.24
C GLU B 485 5.38 16.48 6.01
N ARG B 486 5.34 16.04 7.26
CA ARG B 486 6.47 15.94 8.17
C ARG B 486 7.06 17.29 8.52
N GLY B 487 6.48 18.39 8.04
CA GLY B 487 6.95 19.72 8.37
C GLY B 487 8.13 20.20 7.55
N LEU B 488 8.52 19.48 6.49
CA LEU B 488 9.64 19.91 5.67
C LEU B 488 9.37 21.22 4.95
N LYS B 489 8.10 21.54 4.69
CA LYS B 489 7.77 22.73 3.92
C LYS B 489 7.98 24.02 4.71
N LEU B 490 7.93 23.98 6.03
CA LEU B 490 7.80 25.23 6.79
C LEU B 490 9.12 26.00 6.86
N SER B 491 10.09 25.49 7.61
CA SER B 491 11.35 26.17 7.82
C SER B 491 12.26 25.25 8.63
N GLY B 492 13.38 25.80 9.12
CA GLY B 492 14.34 25.03 9.88
C GLY B 492 14.27 25.13 11.39
N GLY B 493 13.71 26.22 11.94
CA GLY B 493 13.68 26.39 13.38
C GLY B 493 12.31 26.53 14.01
N GLU B 494 11.36 27.08 13.25
CA GLU B 494 10.01 27.22 13.80
C GLU B 494 9.32 25.89 14.01
N LYS B 495 9.83 24.80 13.43
CA LYS B 495 9.37 23.49 13.86
C LYS B 495 9.70 23.27 15.33
N GLN B 496 10.93 23.58 15.72
CA GLN B 496 11.31 23.49 17.12
C GLN B 496 10.49 24.46 17.98
N ARG B 497 10.24 25.66 17.45
CA ARG B 497 9.46 26.64 18.21
C ARG B 497 8.03 26.14 18.45
N VAL B 498 7.39 25.56 17.44
CA VAL B 498 6.03 25.07 17.65
C VAL B 498 6.03 23.84 18.55
N ALA B 499 7.09 23.02 18.49
CA ALA B 499 7.17 21.90 19.42
C ALA B 499 7.23 22.39 20.87
N ILE B 500 8.09 23.39 21.14
CA ILE B 500 8.18 23.89 22.50
C ILE B 500 6.90 24.61 22.90
N ALA B 501 6.20 25.24 21.94
CA ALA B 501 4.91 25.83 22.23
C ALA B 501 3.88 24.76 22.62
N ARG B 502 3.89 23.63 21.92
CA ARG B 502 3.01 22.52 22.30
C ARG B 502 3.29 22.08 23.72
N THR B 503 4.57 21.92 24.06
CA THR B 503 4.91 21.47 25.41
C THR B 503 4.47 22.48 26.46
N ILE B 504 4.67 23.77 26.19
CA ILE B 504 4.26 24.81 27.13
C ILE B 504 2.75 24.78 27.32
N LEU B 505 2.00 24.63 26.23
CA LEU B 505 0.55 24.53 26.33
C LEU B 505 0.14 23.32 27.16
N LYS B 506 0.83 22.19 26.98
CA LYS B 506 0.52 21.01 27.78
C LYS B 506 0.75 21.29 29.27
N ALA B 507 1.85 21.96 29.59
CA ALA B 507 2.19 22.38 30.94
C ALA B 507 2.14 21.21 31.93
N PRO B 508 3.08 20.29 31.87
CA PRO B 508 3.05 19.12 32.76
C PRO B 508 3.65 19.46 34.12
N GLY B 509 3.58 18.47 35.02
CA GLY B 509 4.22 18.63 36.31
C GLY B 509 5.73 18.66 36.24
N ILE B 510 6.31 17.83 35.38
CA ILE B 510 7.77 17.73 35.21
C ILE B 510 8.10 18.00 33.76
N ILE B 511 9.09 18.84 33.52
CA ILE B 511 9.48 19.26 32.18
C ILE B 511 10.91 18.79 31.90
N LEU B 512 11.11 18.25 30.70
CA LEU B 512 12.42 17.78 30.28
C LEU B 512 12.74 18.31 28.90
N LEU B 513 13.93 18.84 28.69
CA LEU B 513 14.35 19.42 27.42
C LEU B 513 15.59 18.66 26.93
N ASP B 514 15.47 18.01 25.78
CA ASP B 514 16.63 17.33 25.21
C ASP B 514 17.55 18.33 24.52
N GLU B 515 17.04 19.00 23.48
CA GLU B 515 17.77 20.06 22.81
C GLU B 515 16.78 21.15 22.42
N ALA B 516 17.14 22.40 22.70
CA ALA B 516 16.23 23.52 22.45
C ALA B 516 16.84 24.59 21.55
N THR B 517 18.15 24.79 21.62
CA THR B 517 18.82 25.83 20.85
C THR B 517 19.69 25.24 19.73
N SER B 518 19.24 24.13 19.13
CA SER B 518 20.03 23.49 18.09
C SER B 518 20.06 24.34 16.82
N ALA B 519 18.93 24.93 16.44
CA ALA B 519 18.80 25.63 15.17
C ALA B 519 18.53 27.12 15.32
N LEU B 520 18.40 27.63 16.54
CA LEU B 520 18.14 29.04 16.73
C LEU B 520 19.43 29.85 16.63
N ASP B 521 19.30 31.08 16.18
CA ASP B 521 20.45 31.98 16.10
C ASP B 521 20.83 32.48 17.49
N THR B 522 22.00 33.13 17.56
CA THR B 522 22.56 33.51 18.84
C THR B 522 21.80 34.63 19.54
N SER B 523 20.85 35.26 18.87
CA SER B 523 20.08 36.36 19.45
C SER B 523 18.66 35.95 19.85
N ASN B 524 18.30 34.67 19.77
CA ASN B 524 16.94 34.24 20.08
C ASN B 524 16.85 33.29 21.26
N GLU B 525 17.92 32.57 21.61
CA GLU B 525 17.82 31.61 22.69
C GLU B 525 17.66 32.30 24.04
N ARG B 526 18.34 33.42 24.21
CA ARG B 526 18.30 34.14 25.49
C ARG B 526 16.88 34.46 25.86
N ALA B 527 16.18 35.13 24.96
CA ALA B 527 14.80 35.51 25.23
C ALA B 527 13.96 34.29 25.58
N ILE B 528 14.21 33.16 24.90
CA ILE B 528 13.45 31.94 25.16
C ILE B 528 13.70 31.44 26.58
N GLN B 529 14.97 31.42 27.02
CA GLN B 529 15.22 30.96 28.38
C GLN B 529 14.73 31.95 29.42
N ALA B 530 14.77 33.25 29.11
CA ALA B 530 14.21 34.23 30.03
C ALA B 530 12.71 34.02 30.20
N SER B 531 12.00 33.74 29.10
CA SER B 531 10.57 33.44 29.19
C SER B 531 10.34 32.13 29.93
N LEU B 532 11.20 31.13 29.70
CA LEU B 532 11.02 29.84 30.35
C LEU B 532 11.30 29.91 31.85
N ALA B 533 12.12 30.86 32.28
CA ALA B 533 12.41 31.01 33.70
C ALA B 533 11.16 31.36 34.49
N LYS B 534 10.24 32.12 33.88
CA LYS B 534 8.98 32.45 34.54
C LYS B 534 8.01 31.28 34.57
N VAL B 535 8.27 30.23 33.78
CA VAL B 535 7.35 29.10 33.68
C VAL B 535 7.85 27.96 34.57
N CYS B 536 9.16 27.86 34.73
CA CYS B 536 9.77 26.81 35.54
C CYS B 536 9.94 27.21 37.00
N ALA B 537 9.08 28.09 37.52
CA ALA B 537 9.24 28.59 38.88
C ALA B 537 9.10 27.47 39.90
N ASN B 538 8.11 26.60 39.71
CA ASN B 538 7.80 25.56 40.68
C ASN B 538 7.62 24.20 40.01
N ARG B 539 8.51 23.87 39.06
CA ARG B 539 8.44 22.60 38.36
C ARG B 539 9.85 22.04 38.19
N THR B 540 9.99 20.74 38.45
CA THR B 540 11.28 20.08 38.27
C THR B 540 11.65 20.03 36.79
N THR B 541 12.89 20.37 36.48
CA THR B 541 13.35 20.50 35.10
C THR B 541 14.69 19.82 34.91
N ILE B 542 14.81 19.03 33.85
CA ILE B 542 16.06 18.41 33.44
C ILE B 542 16.40 18.91 32.05
N VAL B 543 17.60 19.47 31.88
CA VAL B 543 18.01 20.11 30.63
C VAL B 543 19.31 19.49 30.16
N VAL B 544 19.40 19.22 28.87
CA VAL B 544 20.62 18.74 28.22
C VAL B 544 21.07 19.79 27.21
N ALA B 545 22.36 20.14 27.25
CA ALA B 545 22.86 21.17 26.36
C ALA B 545 24.34 20.94 26.10
N HIS B 546 24.69 20.72 24.82
CA HIS B 546 26.09 20.68 24.44
C HIS B 546 26.76 22.03 24.67
N ARG B 547 26.06 23.12 24.33
CA ARG B 547 26.58 24.45 24.56
C ARG B 547 26.47 24.80 26.05
N LEU B 548 27.57 25.26 26.63
CA LEU B 548 27.64 25.49 28.07
C LEU B 548 27.21 26.89 28.48
N SER B 549 26.73 27.71 27.54
CA SER B 549 26.23 29.03 27.88
C SER B 549 24.85 29.00 28.52
N THR B 550 24.21 27.82 28.59
CA THR B 550 22.87 27.71 29.12
C THR B 550 22.83 27.20 30.56
N VAL B 551 23.81 26.40 30.97
CA VAL B 551 23.79 25.75 32.28
C VAL B 551 24.73 26.44 33.26
N VAL B 552 25.11 27.70 33.00
CA VAL B 552 26.03 28.41 33.88
C VAL B 552 25.38 28.65 35.25
N ASN B 553 24.05 28.75 35.28
CA ASN B 553 23.31 28.86 36.52
C ASN B 553 22.58 27.58 36.91
N ALA B 554 23.00 26.44 36.38
CA ALA B 554 22.35 25.18 36.70
C ALA B 554 22.52 24.84 38.17
N ASP B 555 21.44 24.35 38.78
CA ASP B 555 21.47 24.02 40.20
C ASP B 555 22.41 22.87 40.49
N GLN B 556 22.57 21.95 39.55
CA GLN B 556 23.48 20.83 39.70
C GLN B 556 23.97 20.41 38.32
N ILE B 557 25.23 19.98 38.25
CA ILE B 557 25.85 19.61 36.99
C ILE B 557 26.42 18.20 37.11
N LEU B 558 26.16 17.38 36.10
CA LEU B 558 26.69 16.03 36.02
C LEU B 558 27.47 15.88 34.72
N VAL B 559 28.52 15.05 34.77
CA VAL B 559 29.35 14.77 33.60
C VAL B 559 29.34 13.27 33.36
N ILE B 560 29.00 12.87 32.14
CA ILE B 560 28.93 11.47 31.75
C ILE B 560 30.01 11.22 30.70
N LYS B 561 30.81 10.17 30.89
CA LYS B 561 31.89 9.87 29.97
C LYS B 561 31.59 8.67 29.08
N ASP B 562 31.35 7.50 29.68
CA ASP B 562 30.99 6.31 28.93
C ASP B 562 29.89 5.63 29.76
N GLY B 563 28.91 6.43 30.17
CA GLY B 563 27.81 5.94 30.97
C GLY B 563 28.09 5.83 32.45
N CYS B 564 29.29 6.19 32.90
CA CYS B 564 29.64 6.19 34.32
C CYS B 564 29.96 7.63 34.74
N ILE B 565 29.36 8.07 35.83
CA ILE B 565 29.53 9.43 36.29
C ILE B 565 30.97 9.67 36.69
N VAL B 566 31.55 10.77 36.21
CA VAL B 566 32.94 11.08 36.48
C VAL B 566 33.12 12.17 37.53
N GLU B 567 32.18 13.11 37.65
CA GLU B 567 32.23 14.15 38.67
C GLU B 567 30.90 14.87 38.70
N ARG B 568 30.72 15.67 39.75
CA ARG B 568 29.48 16.43 39.93
C ARG B 568 29.77 17.65 40.78
N GLY B 569 28.81 18.57 40.81
CA GLY B 569 28.91 19.77 41.62
C GLY B 569 28.34 20.96 40.88
N ARG B 570 28.62 22.15 41.38
CA ARG B 570 28.14 23.34 40.67
C ARG B 570 29.14 23.84 39.65
N HIS B 571 28.95 25.06 39.16
CA HIS B 571 29.80 25.59 38.11
C HIS B 571 31.14 26.08 38.66
N GLU B 572 31.11 26.98 39.63
CA GLU B 572 32.36 27.54 40.14
C GLU B 572 33.16 26.51 40.93
N ALA B 573 32.48 25.60 41.63
CA ALA B 573 33.18 24.53 42.35
C ALA B 573 33.86 23.57 41.39
N LEU B 574 33.29 23.35 40.21
CA LEU B 574 33.93 22.54 39.18
C LEU B 574 35.07 23.27 38.49
N LEU B 575 34.96 24.59 38.33
CA LEU B 575 36.02 25.34 37.66
C LEU B 575 37.30 25.35 38.49
N SER B 576 37.17 25.51 39.81
CA SER B 576 38.35 25.58 40.68
C SER B 576 39.10 24.26 40.77
N ARG B 577 38.41 23.14 40.53
CA ARG B 577 39.06 21.83 40.67
C ARG B 577 40.11 21.62 39.58
N GLY B 578 40.02 22.34 38.48
CA GLY B 578 40.94 22.17 37.38
C GLY B 578 40.82 20.85 36.66
N GLY B 579 39.60 20.34 36.49
CA GLY B 579 39.36 19.08 35.84
C GLY B 579 38.95 19.21 34.40
N VAL B 580 38.26 18.18 33.91
CA VAL B 580 37.88 18.12 32.50
C VAL B 580 36.84 19.20 32.17
N TYR B 581 35.92 19.49 33.09
CA TYR B 581 34.96 20.57 32.84
C TYR B 581 35.68 21.91 32.72
N ALA B 582 36.66 22.16 33.59
CA ALA B 582 37.43 23.39 33.48
C ALA B 582 38.20 23.44 32.16
N ASP B 583 38.76 22.31 31.74
CA ASP B 583 39.47 22.26 30.47
C ASP B 583 38.54 22.60 29.31
N MET B 584 37.34 22.01 29.30
CA MET B 584 36.40 22.26 28.21
C MET B 584 35.90 23.69 28.24
N TRP B 585 35.66 24.24 29.43
CA TRP B 585 35.21 25.62 29.55
C TRP B 585 36.27 26.58 29.01
N GLN B 586 37.53 26.36 29.38
CA GLN B 586 38.62 27.18 28.87
C GLN B 586 38.75 27.04 27.36
N LEU B 587 38.64 25.81 26.85
CA LEU B 587 38.76 25.59 25.41
C LEU B 587 37.66 26.29 24.64
N GLN B 588 36.44 26.29 25.18
CA GLN B 588 35.33 26.94 24.50
C GLN B 588 35.45 28.46 24.57
N GLN B 589 35.84 28.99 25.73
CA GLN B 589 35.84 30.44 25.92
C GLN B 589 37.12 31.11 25.43
N GLY B 590 38.15 30.35 25.10
CA GLY B 590 39.39 30.92 24.62
C GLY B 590 40.27 29.93 23.87
#